data_2AAP
#
_entry.id   2AAP
#
_entity_poly.entity_id   1
_entity_poly.type   'polypeptide(L)'
_entity_poly.pdbx_seq_one_letter_code
;GCGGLMAGCDGKSTFCCSGYNCSPTWKWCVYARP
;
_entity_poly.pdbx_strand_id   A
#
# COMPACT_ATOMS: atom_id res chain seq x y z
N GLY A 1 0.89 3.78 9.42
CA GLY A 1 -0.07 4.91 9.61
C GLY A 1 -0.85 5.16 8.32
N CYS A 2 -0.62 6.28 7.68
CA CYS A 2 -1.36 6.59 6.41
C CYS A 2 -0.36 6.75 5.25
N GLY A 3 -0.35 5.82 4.33
CA GLY A 3 0.58 5.91 3.17
C GLY A 3 -0.17 5.61 1.88
N GLY A 4 0.05 6.40 0.84
CA GLY A 4 -0.66 6.14 -0.44
C GLY A 4 0.22 6.59 -1.62
N LEU A 5 -0.05 6.07 -2.80
CA LEU A 5 0.74 6.44 -4.02
C LEU A 5 2.24 6.17 -3.81
N MET A 6 2.67 4.94 -4.03
CA MET A 6 4.10 4.57 -3.86
C MET A 6 4.59 4.91 -2.45
N ALA A 7 3.73 4.77 -1.47
CA ALA A 7 4.13 5.07 -0.06
C ALA A 7 4.85 3.87 0.55
N GLY A 8 5.83 4.10 1.38
CA GLY A 8 6.58 2.96 1.99
C GLY A 8 5.62 2.12 2.85
N CYS A 9 5.50 0.85 2.53
CA CYS A 9 4.59 -0.05 3.30
C CYS A 9 5.42 -1.06 4.11
N ASP A 10 6.18 -1.88 3.43
CA ASP A 10 7.03 -2.91 4.12
C ASP A 10 6.15 -3.86 4.94
N GLY A 11 5.51 -4.80 4.29
CA GLY A 11 4.64 -5.77 5.02
C GLY A 11 3.45 -6.15 4.12
N LYS A 12 3.28 -7.41 3.84
CA LYS A 12 2.14 -7.85 2.97
C LYS A 12 0.79 -7.59 3.67
N SER A 13 0.80 -7.31 4.96
CA SER A 13 -0.47 -7.05 5.69
C SER A 13 -0.58 -5.58 6.12
N THR A 14 0.38 -4.75 5.74
CA THR A 14 0.32 -3.31 6.12
C THR A 14 -0.85 -2.62 5.41
N PHE A 15 -1.57 -1.77 6.11
CA PHE A 15 -2.72 -1.07 5.48
C PHE A 15 -2.32 0.35 5.08
N CYS A 16 -2.74 0.80 3.93
CA CYS A 16 -2.41 2.18 3.47
C CYS A 16 -3.34 3.21 4.13
N CYS A 17 -3.51 4.36 3.54
CA CYS A 17 -4.42 5.39 4.16
C CYS A 17 -5.89 5.05 3.85
N SER A 18 -6.30 5.19 2.62
CA SER A 18 -7.71 4.88 2.24
C SER A 18 -7.84 4.74 0.72
N GLY A 19 -8.31 3.61 0.24
CA GLY A 19 -8.42 3.40 -1.24
C GLY A 19 -7.10 2.90 -1.81
N TYR A 20 -6.06 2.80 -1.00
CA TYR A 20 -4.74 2.33 -1.50
C TYR A 20 -4.52 0.87 -1.06
N ASN A 21 -3.50 0.24 -1.59
CA ASN A 21 -3.21 -1.18 -1.21
C ASN A 21 -1.70 -1.43 -1.27
N CYS A 22 -1.15 -2.00 -0.22
CA CYS A 22 0.32 -2.27 -0.21
C CYS A 22 0.66 -3.45 -1.14
N SER A 23 1.66 -3.29 -1.97
CA SER A 23 2.05 -4.39 -2.89
C SER A 23 3.19 -5.20 -2.26
N PRO A 24 3.03 -6.50 -2.22
CA PRO A 24 4.07 -7.39 -1.62
C PRO A 24 5.31 -7.47 -2.54
N THR A 25 5.15 -7.17 -3.81
CA THR A 25 6.31 -7.23 -4.74
C THR A 25 7.07 -5.89 -4.75
N TRP A 26 6.39 -4.80 -4.48
CA TRP A 26 7.07 -3.46 -4.50
C TRP A 26 7.22 -2.91 -3.07
N LYS A 27 6.55 -3.50 -2.11
CA LYS A 27 6.66 -3.03 -0.68
C LYS A 27 6.17 -1.58 -0.51
N TRP A 28 5.23 -1.12 -1.32
CA TRP A 28 4.71 0.27 -1.13
C TRP A 28 3.18 0.30 -1.27
N CYS A 29 2.56 1.41 -0.96
CA CYS A 29 1.06 1.50 -1.05
C CYS A 29 0.66 2.26 -2.33
N VAL A 30 -0.16 1.65 -3.15
CA VAL A 30 -0.61 2.32 -4.42
C VAL A 30 -2.13 2.16 -4.57
N TYR A 31 -2.70 2.69 -5.62
CA TYR A 31 -4.17 2.57 -5.83
C TYR A 31 -4.59 1.09 -5.80
N ALA A 32 -5.74 0.80 -5.24
CA ALA A 32 -6.22 -0.62 -5.16
C ALA A 32 -7.03 -0.98 -6.41
N ARG A 33 -6.86 -2.18 -6.92
CA ARG A 33 -7.63 -2.61 -8.13
C ARG A 33 -7.87 -4.12 -8.09
N PRO A 34 -8.94 -4.51 -7.43
CA PRO A 34 -9.29 -5.95 -7.33
C PRO A 34 -9.84 -6.50 -8.66
N GLY A 1 -1.58 5.49 10.10
CA GLY A 1 -1.48 6.82 9.42
C GLY A 1 -2.14 6.75 8.04
N CYS A 2 -1.53 7.35 7.04
CA CYS A 2 -2.12 7.32 5.67
C CYS A 2 -1.01 7.10 4.63
N GLY A 3 -0.88 5.89 4.14
CA GLY A 3 0.18 5.59 3.12
C GLY A 3 -0.50 5.25 1.79
N GLY A 4 -0.03 5.81 0.71
CA GLY A 4 -0.64 5.52 -0.62
C GLY A 4 0.26 6.06 -1.74
N LEU A 5 0.15 5.50 -2.92
CA LEU A 5 0.99 5.96 -4.07
C LEU A 5 2.49 5.86 -3.76
N MET A 6 3.09 4.74 -4.09
CA MET A 6 4.54 4.52 -3.82
C MET A 6 4.86 4.73 -2.34
N ALA A 7 3.94 4.35 -1.47
CA ALA A 7 4.18 4.50 -0.01
C ALA A 7 4.94 3.29 0.53
N GLY A 8 6.25 3.37 0.60
CA GLY A 8 7.06 2.22 1.10
C GLY A 8 6.60 1.84 2.51
N CYS A 9 5.91 0.73 2.64
CA CYS A 9 5.44 0.29 3.99
C CYS A 9 6.12 -1.01 4.42
N ASP A 10 6.36 -1.91 3.49
CA ASP A 10 7.03 -3.21 3.80
C ASP A 10 6.16 -4.04 4.77
N GLY A 11 5.39 -4.95 4.25
CA GLY A 11 4.53 -5.80 5.13
C GLY A 11 3.33 -6.30 4.31
N LYS A 12 3.21 -7.60 4.16
CA LYS A 12 2.06 -8.16 3.38
C LYS A 12 0.73 -7.84 4.07
N SER A 13 0.76 -7.47 5.33
CA SER A 13 -0.50 -7.14 6.05
C SER A 13 -0.46 -5.69 6.56
N THR A 14 0.27 -4.82 5.88
CA THR A 14 0.33 -3.40 6.32
C THR A 14 -0.87 -2.63 5.79
N PHE A 15 -1.53 -1.86 6.62
CA PHE A 15 -2.72 -1.09 6.16
C PHE A 15 -2.28 0.26 5.57
N CYS A 16 -3.13 0.88 4.80
CA CYS A 16 -2.78 2.19 4.17
C CYS A 16 -3.84 3.25 4.51
N CYS A 17 -3.85 4.35 3.81
CA CYS A 17 -4.86 5.43 4.10
C CYS A 17 -6.25 5.02 3.59
N SER A 18 -6.56 5.29 2.35
CA SER A 18 -7.90 4.92 1.81
C SER A 18 -7.80 4.65 0.31
N GLY A 19 -8.19 3.47 -0.13
CA GLY A 19 -8.11 3.14 -1.58
C GLY A 19 -6.66 2.83 -1.98
N TYR A 20 -5.85 2.42 -1.02
CA TYR A 20 -4.42 2.10 -1.34
C TYR A 20 -4.06 0.73 -0.75
N ASN A 21 -3.29 -0.05 -1.48
CA ASN A 21 -2.91 -1.40 -0.97
C ASN A 21 -1.40 -1.62 -1.12
N CYS A 22 -0.75 -2.03 -0.06
CA CYS A 22 0.73 -2.27 -0.12
C CYS A 22 1.00 -3.54 -0.94
N SER A 23 1.75 -3.42 -2.01
CA SER A 23 2.06 -4.61 -2.86
C SER A 23 3.23 -5.39 -2.26
N PRO A 24 3.13 -6.70 -2.30
CA PRO A 24 4.20 -7.58 -1.76
C PRO A 24 5.43 -7.58 -2.68
N THR A 25 5.22 -7.38 -3.96
CA THR A 25 6.37 -7.36 -4.92
C THR A 25 7.00 -5.97 -5.00
N TRP A 26 6.21 -4.94 -4.83
CA TRP A 26 6.75 -3.55 -4.89
C TRP A 26 7.13 -3.05 -3.49
N LYS A 27 6.52 -3.60 -2.46
CA LYS A 27 6.80 -3.18 -1.05
C LYS A 27 6.21 -1.79 -0.73
N TRP A 28 5.53 -1.17 -1.66
CA TRP A 28 4.94 0.17 -1.37
C TRP A 28 3.41 0.13 -1.58
N CYS A 29 2.72 1.14 -1.14
CA CYS A 29 1.24 1.16 -1.31
C CYS A 29 0.83 1.91 -2.57
N VAL A 30 -0.20 1.46 -3.23
CA VAL A 30 -0.69 2.14 -4.47
C VAL A 30 -2.20 1.95 -4.59
N TYR A 31 -2.84 2.69 -5.48
CA TYR A 31 -4.32 2.55 -5.65
C TYR A 31 -4.71 1.08 -5.79
N ALA A 32 -5.74 0.65 -5.09
CA ALA A 32 -6.16 -0.78 -5.17
C ALA A 32 -7.06 -1.00 -6.39
N ARG A 33 -7.23 -2.24 -6.78
CA ARG A 33 -8.10 -2.56 -7.95
C ARG A 33 -9.20 -3.55 -7.56
N PRO A 34 -10.41 -3.28 -7.99
CA PRO A 34 -11.56 -4.16 -7.67
C PRO A 34 -11.46 -5.49 -8.44
N GLY A 1 -1.06 9.45 9.12
CA GLY A 1 -0.84 8.10 9.74
C GLY A 1 -0.75 7.03 8.64
N CYS A 2 -1.66 7.05 7.70
CA CYS A 2 -1.63 6.04 6.60
C CYS A 2 -0.81 6.55 5.41
N GLY A 3 -0.59 5.72 4.42
CA GLY A 3 0.20 6.15 3.23
C GLY A 3 -0.51 5.70 1.94
N GLY A 4 -0.41 6.47 0.89
CA GLY A 4 -1.07 6.08 -0.39
C GLY A 4 -0.20 6.49 -1.57
N LEU A 5 -0.27 5.76 -2.66
CA LEU A 5 0.54 6.08 -3.88
C LEU A 5 2.04 5.99 -3.57
N MET A 6 2.65 4.87 -3.86
CA MET A 6 4.11 4.67 -3.59
C MET A 6 4.42 4.88 -2.10
N ALA A 7 3.53 4.43 -1.24
CA ALA A 7 3.76 4.59 0.23
C ALA A 7 4.54 3.38 0.77
N GLY A 8 5.46 3.61 1.67
CA GLY A 8 6.26 2.47 2.23
C GLY A 8 5.35 1.51 2.99
N CYS A 9 5.24 0.29 2.54
CA CYS A 9 4.39 -0.71 3.24
C CYS A 9 5.28 -1.72 3.96
N ASP A 10 5.96 -2.56 3.22
CA ASP A 10 6.88 -3.58 3.84
C ASP A 10 6.16 -4.35 4.97
N GLY A 11 5.24 -5.22 4.62
CA GLY A 11 4.51 -5.99 5.66
C GLY A 11 3.05 -6.08 5.26
N LYS A 12 2.53 -7.27 5.10
CA LYS A 12 1.10 -7.44 4.70
C LYS A 12 0.17 -6.86 5.79
N SER A 13 0.70 -6.60 6.97
CA SER A 13 -0.14 -6.03 8.06
C SER A 13 0.02 -4.51 8.13
N THR A 14 0.44 -3.88 7.05
CA THR A 14 0.62 -2.39 7.06
C THR A 14 -0.76 -1.69 7.08
N PHE A 15 -0.76 -0.38 7.07
CA PHE A 15 -2.06 0.36 7.09
C PHE A 15 -2.05 1.48 6.04
N CYS A 16 -2.57 1.21 4.86
CA CYS A 16 -2.61 2.25 3.79
C CYS A 16 -3.75 3.25 4.07
N CYS A 17 -3.92 4.22 3.21
CA CYS A 17 -5.02 5.23 3.44
C CYS A 17 -6.37 4.69 2.92
N SER A 18 -6.80 5.10 1.76
CA SER A 18 -8.10 4.60 1.23
C SER A 18 -8.00 4.34 -0.29
N GLY A 19 -8.18 3.11 -0.69
CA GLY A 19 -8.09 2.77 -2.15
C GLY A 19 -6.63 2.46 -2.53
N TYR A 20 -5.86 1.89 -1.62
CA TYR A 20 -4.44 1.57 -1.95
C TYR A 20 -4.12 0.11 -1.58
N ASN A 21 -3.31 -0.55 -2.37
CA ASN A 21 -2.95 -1.97 -2.07
C ASN A 21 -1.43 -2.12 -1.97
N CYS A 22 -0.96 -2.80 -0.95
CA CYS A 22 0.52 -2.98 -0.79
C CYS A 22 1.02 -4.14 -1.67
N SER A 23 2.06 -3.92 -2.43
CA SER A 23 2.61 -5.00 -3.30
C SER A 23 3.71 -5.78 -2.56
N PRO A 24 3.71 -7.08 -2.74
CA PRO A 24 4.72 -7.94 -2.07
C PRO A 24 6.10 -7.79 -2.73
N THR A 25 6.14 -7.51 -4.01
CA THR A 25 7.46 -7.36 -4.71
C THR A 25 7.94 -5.90 -4.65
N TRP A 26 7.03 -4.96 -4.75
CA TRP A 26 7.43 -3.52 -4.70
C TRP A 26 7.57 -3.05 -3.25
N LYS A 27 6.86 -3.68 -2.34
CA LYS A 27 6.94 -3.30 -0.89
C LYS A 27 6.30 -1.92 -0.61
N TRP A 28 5.47 -1.43 -1.48
CA TRP A 28 4.81 -0.10 -1.21
C TRP A 28 3.30 -0.17 -1.50
N CYS A 29 2.57 0.86 -1.18
CA CYS A 29 1.10 0.86 -1.40
C CYS A 29 0.73 1.78 -2.58
N VAL A 30 -0.01 1.27 -3.53
CA VAL A 30 -0.41 2.10 -4.72
C VAL A 30 -1.92 1.99 -4.94
N TYR A 31 -2.46 2.76 -5.85
CA TYR A 31 -3.94 2.71 -6.12
C TYR A 31 -4.39 1.27 -6.39
N ALA A 32 -5.39 0.81 -5.67
CA ALA A 32 -5.89 -0.59 -5.88
C ALA A 32 -6.93 -0.61 -7.00
N ARG A 33 -7.48 -1.77 -7.30
CA ARG A 33 -8.51 -1.87 -8.38
C ARG A 33 -9.69 -2.73 -7.92
N PRO A 34 -10.87 -2.32 -8.29
CA PRO A 34 -12.11 -3.06 -7.91
C PRO A 34 -12.22 -4.36 -8.72
N GLY A 1 0.31 4.25 9.40
CA GLY A 1 -0.40 5.56 9.39
C GLY A 1 -1.22 5.70 8.11
N CYS A 2 -0.81 6.57 7.22
CA CYS A 2 -1.57 6.75 5.94
C CYS A 2 -0.61 6.76 4.75
N GLY A 3 -0.61 5.71 3.96
CA GLY A 3 0.29 5.65 2.78
C GLY A 3 -0.53 5.77 1.49
N GLY A 4 -0.06 6.54 0.53
CA GLY A 4 -0.82 6.70 -0.74
C GLY A 4 0.14 6.90 -1.91
N LEU A 5 -0.05 6.16 -2.99
CA LEU A 5 0.83 6.28 -4.19
C LEU A 5 2.29 5.96 -3.83
N MET A 6 2.71 4.74 -4.04
CA MET A 6 4.12 4.34 -3.74
C MET A 6 4.45 4.60 -2.26
N ALA A 7 3.54 4.26 -1.38
CA ALA A 7 3.79 4.48 0.08
C ALA A 7 4.48 3.26 0.68
N GLY A 8 5.59 3.46 1.36
CA GLY A 8 6.32 2.30 1.97
C GLY A 8 5.37 1.42 2.77
N CYS A 9 5.22 0.18 2.37
CA CYS A 9 4.32 -0.75 3.11
C CYS A 9 5.16 -1.75 3.92
N ASP A 10 5.89 -2.61 3.26
CA ASP A 10 6.75 -3.60 3.96
C ASP A 10 5.94 -4.42 4.99
N GLY A 11 5.01 -5.22 4.53
CA GLY A 11 4.20 -6.03 5.47
C GLY A 11 2.97 -6.59 4.74
N LYS A 12 2.76 -7.89 4.83
CA LYS A 12 1.58 -8.51 4.15
C LYS A 12 0.26 -8.03 4.80
N SER A 13 0.33 -7.44 5.97
CA SER A 13 -0.91 -6.94 6.64
C SER A 13 -0.87 -5.43 6.80
N THR A 14 -0.07 -4.74 6.00
CA THR A 14 0.01 -3.26 6.11
C THR A 14 -1.09 -2.61 5.26
N PHE A 15 -1.79 -1.66 5.82
CA PHE A 15 -2.89 -0.99 5.05
C PHE A 15 -2.43 0.41 4.60
N CYS A 16 -3.00 0.91 3.54
CA CYS A 16 -2.61 2.26 3.05
C CYS A 16 -3.45 3.35 3.75
N CYS A 17 -3.64 4.48 3.14
CA CYS A 17 -4.44 5.57 3.77
C CYS A 17 -5.92 5.43 3.42
N SER A 18 -6.28 5.70 2.18
CA SER A 18 -7.71 5.58 1.76
C SER A 18 -7.80 5.41 0.24
N GLY A 19 -8.25 4.27 -0.22
CA GLY A 19 -8.37 4.02 -1.69
C GLY A 19 -7.04 3.48 -2.23
N TYR A 20 -6.24 2.86 -1.40
CA TYR A 20 -4.93 2.31 -1.87
C TYR A 20 -4.70 0.91 -1.26
N ASN A 21 -3.85 0.12 -1.87
CA ASN A 21 -3.57 -1.25 -1.32
C ASN A 21 -2.08 -1.56 -1.39
N CYS A 22 -1.54 -2.13 -0.33
CA CYS A 22 -0.08 -2.48 -0.32
C CYS A 22 0.21 -3.55 -1.38
N SER A 23 1.39 -3.50 -1.97
CA SER A 23 1.75 -4.52 -3.00
C SER A 23 2.86 -5.43 -2.48
N PRO A 24 2.65 -6.73 -2.63
CA PRO A 24 3.65 -7.73 -2.15
C PRO A 24 4.88 -7.76 -3.09
N THR A 25 4.71 -7.41 -4.34
CA THR A 25 5.85 -7.44 -5.29
C THR A 25 6.58 -6.08 -5.33
N TRP A 26 5.89 -5.01 -5.01
CA TRP A 26 6.53 -3.66 -5.02
C TRP A 26 6.88 -3.20 -3.59
N LYS A 27 6.32 -3.84 -2.59
CA LYS A 27 6.61 -3.49 -1.16
C LYS A 27 6.04 -2.10 -0.77
N TRP A 28 5.17 -1.52 -1.57
CA TRP A 28 4.60 -0.19 -1.19
C TRP A 28 3.10 -0.15 -1.49
N CYS A 29 2.44 0.93 -1.11
CA CYS A 29 0.97 1.04 -1.36
C CYS A 29 0.69 1.66 -2.73
N VAL A 30 -0.24 1.08 -3.45
CA VAL A 30 -0.60 1.60 -4.81
C VAL A 30 -2.10 1.94 -4.87
N TYR A 31 -2.59 2.33 -6.01
CA TYR A 31 -4.05 2.67 -6.12
C TYR A 31 -4.89 1.39 -6.00
N ALA A 32 -6.09 1.51 -5.48
CA ALA A 32 -6.97 0.32 -5.34
C ALA A 32 -7.51 -0.10 -6.71
N ARG A 33 -7.11 -1.26 -7.19
CA ARG A 33 -7.60 -1.73 -8.52
C ARG A 33 -9.11 -2.02 -8.48
N PRO A 34 -9.53 -2.86 -7.55
CA PRO A 34 -10.97 -3.20 -7.43
C PRO A 34 -11.75 -2.01 -6.86
N GLY A 1 -0.25 3.22 8.26
CA GLY A 1 -1.03 4.43 8.62
C GLY A 1 -1.69 5.01 7.36
N CYS A 2 -1.13 6.05 6.79
CA CYS A 2 -1.71 6.65 5.56
C CYS A 2 -0.75 6.49 4.38
N GLY A 3 -0.69 5.30 3.83
CA GLY A 3 0.22 5.06 2.67
C GLY A 3 -0.59 5.14 1.36
N GLY A 4 -0.08 5.86 0.39
CA GLY A 4 -0.80 5.97 -0.91
C GLY A 4 0.19 6.32 -2.03
N LEU A 5 0.04 5.72 -3.18
CA LEU A 5 0.95 6.00 -4.34
C LEU A 5 2.42 5.70 -3.98
N MET A 6 2.85 4.48 -4.20
CA MET A 6 4.26 4.10 -3.88
C MET A 6 4.58 4.40 -2.41
N ALA A 7 3.66 4.10 -1.53
CA ALA A 7 3.89 4.37 -0.08
C ALA A 7 4.69 3.22 0.55
N GLY A 8 5.74 3.53 1.26
CA GLY A 8 6.56 2.45 1.90
C GLY A 8 5.69 1.66 2.89
N CYS A 9 5.33 0.46 2.53
CA CYS A 9 4.49 -0.37 3.45
C CYS A 9 5.36 -1.30 4.28
N ASP A 10 6.26 -2.02 3.63
CA ASP A 10 7.15 -2.96 4.36
C ASP A 10 6.33 -4.07 5.03
N GLY A 11 5.48 -4.72 4.28
CA GLY A 11 4.64 -5.81 4.85
C GLY A 11 3.38 -5.97 3.99
N LYS A 12 3.13 -7.15 3.51
CA LYS A 12 1.92 -7.38 2.66
C LYS A 12 0.63 -7.10 3.44
N SER A 13 0.71 -7.07 4.76
CA SER A 13 -0.51 -6.80 5.58
C SER A 13 -0.45 -5.39 6.19
N THR A 14 0.27 -4.49 5.58
CA THR A 14 0.35 -3.10 6.12
C THR A 14 -0.90 -2.31 5.71
N PHE A 15 -1.51 -1.62 6.65
CA PHE A 15 -2.73 -0.84 6.33
C PHE A 15 -2.35 0.52 5.71
N CYS A 16 -3.07 0.95 4.71
CA CYS A 16 -2.76 2.26 4.06
C CYS A 16 -3.85 3.30 4.39
N CYS A 17 -3.86 4.41 3.69
CA CYS A 17 -4.89 5.46 4.00
C CYS A 17 -6.27 5.06 3.48
N SER A 18 -6.50 5.12 2.19
CA SER A 18 -7.83 4.76 1.63
C SER A 18 -7.73 4.42 0.15
N GLY A 19 -8.19 3.26 -0.25
CA GLY A 19 -8.12 2.86 -1.68
C GLY A 19 -6.68 2.51 -2.06
N TYR A 20 -5.87 2.13 -1.10
CA TYR A 20 -4.46 1.77 -1.41
C TYR A 20 -4.11 0.41 -0.79
N ASN A 21 -3.41 -0.43 -1.52
CA ASN A 21 -3.05 -1.77 -1.00
C ASN A 21 -1.53 -1.98 -1.07
N CYS A 22 -0.92 -2.41 0.00
CA CYS A 22 0.55 -2.64 0.00
C CYS A 22 0.91 -3.82 -0.90
N SER A 23 2.07 -3.80 -1.50
CA SER A 23 2.48 -4.92 -2.40
C SER A 23 3.57 -5.76 -1.72
N PRO A 24 3.44 -7.06 -1.84
CA PRO A 24 4.44 -7.99 -1.22
C PRO A 24 5.74 -8.01 -2.03
N THR A 25 5.65 -7.87 -3.32
CA THR A 25 6.88 -7.88 -4.18
C THR A 25 7.47 -6.47 -4.30
N TRP A 26 6.63 -5.49 -4.46
CA TRP A 26 7.13 -4.08 -4.58
C TRP A 26 7.36 -3.47 -3.19
N LYS A 27 6.70 -3.99 -2.18
CA LYS A 27 6.85 -3.47 -0.78
C LYS A 27 6.24 -2.07 -0.59
N TRP A 28 5.48 -1.58 -1.55
CA TRP A 28 4.86 -0.23 -1.36
C TRP A 28 3.35 -0.28 -1.60
N CYS A 29 2.65 0.76 -1.23
CA CYS A 29 1.16 0.80 -1.42
C CYS A 29 0.80 1.46 -2.75
N VAL A 30 -0.22 0.97 -3.41
CA VAL A 30 -0.65 1.57 -4.71
C VAL A 30 -2.18 1.63 -4.78
N TYR A 31 -2.71 2.40 -5.69
CA TYR A 31 -4.20 2.51 -5.80
C TYR A 31 -4.81 1.15 -6.15
N ALA A 32 -5.90 0.80 -5.52
CA ALA A 32 -6.56 -0.52 -5.81
C ALA A 32 -7.35 -0.46 -7.12
N ARG A 33 -7.43 -1.56 -7.83
CA ARG A 33 -8.19 -1.57 -9.12
C ARG A 33 -9.11 -2.80 -9.19
N PRO A 34 -10.08 -2.83 -8.32
CA PRO A 34 -11.04 -3.96 -8.29
C PRO A 34 -11.97 -3.92 -9.51
N GLY A 1 -3.54 9.35 8.96
CA GLY A 1 -2.42 9.22 7.99
C GLY A 1 -2.87 8.37 6.80
N CYS A 2 -2.87 8.93 5.62
CA CYS A 2 -3.30 8.16 4.41
C CYS A 2 -2.07 7.74 3.59
N GLY A 3 -1.68 6.50 3.68
CA GLY A 3 -0.49 6.01 2.90
C GLY A 3 -0.94 5.56 1.51
N GLY A 4 -0.08 5.73 0.52
CA GLY A 4 -0.44 5.30 -0.86
C GLY A 4 0.56 5.89 -1.87
N LEU A 5 0.32 5.68 -3.15
CA LEU A 5 1.23 6.21 -4.20
C LEU A 5 2.69 5.80 -3.92
N MET A 6 3.01 4.54 -4.12
CA MET A 6 4.40 4.04 -3.87
C MET A 6 4.78 4.24 -2.40
N ALA A 7 3.88 3.96 -1.49
CA ALA A 7 4.19 4.12 -0.03
C ALA A 7 4.93 2.88 0.48
N GLY A 8 6.23 2.96 0.61
CA GLY A 8 7.02 1.78 1.09
C GLY A 8 6.53 1.33 2.46
N CYS A 9 5.88 0.20 2.53
CA CYS A 9 5.36 -0.31 3.84
C CYS A 9 6.08 -1.60 4.23
N ASP A 10 6.38 -2.45 3.27
CA ASP A 10 7.08 -3.74 3.56
C ASP A 10 6.22 -4.62 4.48
N GLY A 11 5.16 -5.17 3.95
CA GLY A 11 4.27 -6.04 4.77
C GLY A 11 2.84 -5.95 4.23
N LYS A 12 2.27 -7.06 3.84
CA LYS A 12 0.87 -7.05 3.32
C LYS A 12 -0.13 -6.66 4.42
N SER A 13 0.30 -6.65 5.67
CA SER A 13 -0.63 -6.28 6.78
C SER A 13 -0.36 -4.84 7.25
N THR A 14 0.22 -4.01 6.40
CA THR A 14 0.49 -2.59 6.81
C THR A 14 -0.83 -1.80 6.87
N PHE A 15 -0.75 -0.50 7.01
CA PHE A 15 -2.00 0.33 7.07
C PHE A 15 -1.88 1.55 6.15
N CYS A 16 -2.59 1.54 5.05
CA CYS A 16 -2.54 2.69 4.10
C CYS A 16 -3.75 3.61 4.33
N CYS A 17 -4.08 4.44 3.37
CA CYS A 17 -5.25 5.36 3.53
C CYS A 17 -6.57 4.57 3.54
N SER A 18 -7.02 4.15 2.39
CA SER A 18 -8.30 3.38 2.32
C SER A 18 -8.42 2.69 0.95
N GLY A 19 -8.16 3.42 -0.11
CA GLY A 19 -8.24 2.82 -1.47
C GLY A 19 -6.82 2.53 -1.98
N TYR A 20 -5.91 2.24 -1.07
CA TYR A 20 -4.51 1.93 -1.48
C TYR A 20 -4.06 0.61 -0.83
N ASN A 21 -3.59 -0.32 -1.62
CA ASN A 21 -3.14 -1.63 -1.04
C ASN A 21 -1.64 -1.82 -1.28
N CYS A 22 -0.93 -2.33 -0.30
CA CYS A 22 0.54 -2.54 -0.47
C CYS A 22 0.81 -3.77 -1.35
N SER A 23 1.62 -3.61 -2.37
CA SER A 23 1.92 -4.74 -3.28
C SER A 23 3.09 -5.57 -2.72
N PRO A 24 2.94 -6.87 -2.80
CA PRO A 24 4.00 -7.79 -2.30
C PRO A 24 5.20 -7.82 -3.25
N THR A 25 4.97 -7.56 -4.52
CA THR A 25 6.10 -7.57 -5.51
C THR A 25 6.81 -6.21 -5.53
N TRP A 26 6.10 -5.15 -5.23
CA TRP A 26 6.73 -3.79 -5.23
C TRP A 26 7.08 -3.33 -3.80
N LYS A 27 6.50 -3.98 -2.81
CA LYS A 27 6.79 -3.62 -1.37
C LYS A 27 6.21 -2.24 -0.98
N TRP A 28 5.40 -1.62 -1.81
CA TRP A 28 4.83 -0.29 -1.41
C TRP A 28 3.32 -0.24 -1.67
N CYS A 29 2.65 0.78 -1.19
CA CYS A 29 1.17 0.88 -1.37
C CYS A 29 0.82 1.62 -2.66
N VAL A 30 -0.20 1.14 -3.34
CA VAL A 30 -0.66 1.78 -4.62
C VAL A 30 -2.19 1.78 -4.66
N TYR A 31 -2.77 2.34 -5.70
CA TYR A 31 -4.27 2.36 -5.80
C TYR A 31 -4.84 0.95 -5.67
N ALA A 32 -6.03 0.82 -5.14
CA ALA A 32 -6.65 -0.53 -4.99
C ALA A 32 -7.08 -1.09 -6.35
N ARG A 33 -7.41 -2.36 -6.40
CA ARG A 33 -7.84 -2.98 -7.70
C ARG A 33 -9.34 -3.28 -7.67
N PRO A 34 -9.98 -3.12 -8.81
CA PRO A 34 -11.44 -3.39 -8.91
C PRO A 34 -11.73 -4.89 -8.87
N GLY A 1 0.08 8.92 9.69
CA GLY A 1 1.09 7.84 9.50
C GLY A 1 0.54 6.78 8.54
N CYS A 2 0.16 7.18 7.36
CA CYS A 2 -0.39 6.19 6.37
C CYS A 2 0.37 6.29 5.04
N GLY A 3 0.03 5.46 4.08
CA GLY A 3 0.74 5.50 2.76
C GLY A 3 -0.25 5.27 1.62
N GLY A 4 -0.13 6.00 0.55
CA GLY A 4 -1.06 5.82 -0.60
C GLY A 4 -0.33 6.10 -1.92
N LEU A 5 -0.30 5.14 -2.81
CA LEU A 5 0.39 5.33 -4.14
C LEU A 5 1.91 5.48 -3.96
N MET A 6 2.64 4.42 -4.20
CA MET A 6 4.14 4.45 -4.05
C MET A 6 4.55 4.79 -2.61
N ALA A 7 3.70 4.48 -1.65
CA ALA A 7 4.05 4.78 -0.22
C ALA A 7 4.75 3.57 0.41
N GLY A 8 5.81 3.79 1.15
CA GLY A 8 6.54 2.66 1.79
C GLY A 8 5.59 1.85 2.68
N CYS A 9 5.54 0.55 2.47
CA CYS A 9 4.65 -0.32 3.30
C CYS A 9 5.49 -1.38 4.03
N ASP A 10 6.02 -2.34 3.30
CA ASP A 10 6.86 -3.40 3.93
C ASP A 10 6.11 -4.11 5.05
N GLY A 11 5.20 -5.00 4.72
CA GLY A 11 4.42 -5.72 5.76
C GLY A 11 3.17 -6.32 5.12
N LYS A 12 3.02 -7.62 5.20
CA LYS A 12 1.81 -8.27 4.60
C LYS A 12 0.54 -7.80 5.31
N SER A 13 0.67 -7.26 6.51
CA SER A 13 -0.53 -6.79 7.26
C SER A 13 -0.52 -5.25 7.35
N THR A 14 0.20 -4.59 6.48
CA THR A 14 0.24 -3.09 6.52
C THR A 14 -0.97 -2.50 5.78
N PHE A 15 -1.60 -1.52 6.37
CA PHE A 15 -2.78 -0.89 5.71
C PHE A 15 -2.40 0.47 5.12
N CYS A 16 -2.92 0.79 3.96
CA CYS A 16 -2.60 2.11 3.33
C CYS A 16 -3.47 3.22 3.94
N CYS A 17 -3.53 4.36 3.31
CA CYS A 17 -4.35 5.49 3.87
C CYS A 17 -5.83 5.32 3.49
N SER A 18 -6.18 5.59 2.25
CA SER A 18 -7.61 5.45 1.83
C SER A 18 -7.69 5.14 0.33
N GLY A 19 -8.21 3.99 -0.02
CA GLY A 19 -8.32 3.62 -1.47
C GLY A 19 -6.96 3.14 -1.98
N TYR A 20 -6.16 2.54 -1.13
CA TYR A 20 -4.82 2.05 -1.56
C TYR A 20 -4.55 0.66 -0.96
N ASN A 21 -3.65 -0.09 -1.56
CA ASN A 21 -3.33 -1.45 -1.04
C ASN A 21 -1.82 -1.71 -1.12
N CYS A 22 -1.26 -2.31 -0.10
CA CYS A 22 0.21 -2.59 -0.11
C CYS A 22 0.55 -3.67 -1.14
N SER A 23 1.48 -3.40 -2.01
CA SER A 23 1.88 -4.40 -3.04
C SER A 23 2.99 -5.31 -2.49
N PRO A 24 2.82 -6.60 -2.65
CA PRO A 24 3.81 -7.58 -2.15
C PRO A 24 5.07 -7.58 -3.04
N THR A 25 4.95 -7.22 -4.29
CA THR A 25 6.13 -7.21 -5.20
C THR A 25 6.93 -5.90 -5.04
N TRP A 26 6.27 -4.80 -4.85
CA TRP A 26 6.99 -3.50 -4.70
C TRP A 26 7.14 -3.12 -3.21
N LYS A 27 6.48 -3.84 -2.33
CA LYS A 27 6.56 -3.55 -0.86
C LYS A 27 6.10 -2.12 -0.54
N TRP A 28 5.13 -1.60 -1.25
CA TRP A 28 4.63 -0.22 -0.94
C TRP A 28 3.11 -0.13 -1.15
N CYS A 29 2.50 0.99 -0.81
CA CYS A 29 1.01 1.12 -0.99
C CYS A 29 0.70 1.67 -2.39
N VAL A 30 -0.24 1.07 -3.07
CA VAL A 30 -0.60 1.55 -4.44
C VAL A 30 -2.12 1.71 -4.59
N TYR A 31 -2.57 2.24 -5.69
CA TYR A 31 -4.04 2.41 -5.90
C TYR A 31 -4.74 1.05 -5.90
N ALA A 32 -5.76 0.90 -5.09
CA ALA A 32 -6.49 -0.41 -5.03
C ALA A 32 -7.27 -0.64 -6.33
N ARG A 33 -7.34 -1.87 -6.78
CA ARG A 33 -8.08 -2.18 -8.05
C ARG A 33 -9.58 -1.88 -7.87
N PRO A 34 -10.23 -1.58 -8.96
CA PRO A 34 -11.67 -1.28 -8.93
C PRO A 34 -12.50 -2.56 -8.72
N GLY A 1 -0.83 7.37 10.06
CA GLY A 1 -0.20 7.86 8.80
C GLY A 1 -0.96 7.29 7.60
N CYS A 2 -1.16 8.09 6.57
CA CYS A 2 -1.89 7.60 5.37
C CYS A 2 -0.89 7.18 4.28
N GLY A 3 -0.75 5.90 4.06
CA GLY A 3 0.19 5.41 3.02
C GLY A 3 -0.56 5.06 1.74
N GLY A 4 -0.36 5.81 0.68
CA GLY A 4 -1.07 5.52 -0.60
C GLY A 4 -0.19 5.89 -1.79
N LEU A 5 -0.26 5.12 -2.86
CA LEU A 5 0.57 5.41 -4.08
C LEU A 5 2.07 5.31 -3.77
N MET A 6 2.65 4.16 -3.97
CA MET A 6 4.12 3.97 -3.70
C MET A 6 4.45 4.28 -2.24
N ALA A 7 3.53 4.01 -1.34
CA ALA A 7 3.80 4.27 0.10
C ALA A 7 4.45 3.04 0.74
N GLY A 8 5.53 3.23 1.48
CA GLY A 8 6.22 2.06 2.11
C GLY A 8 5.22 1.21 2.88
N CYS A 9 5.03 -0.03 2.48
CA CYS A 9 4.07 -0.92 3.18
C CYS A 9 4.85 -1.86 4.11
N ASP A 10 5.73 -2.66 3.56
CA ASP A 10 6.55 -3.61 4.38
C ASP A 10 5.68 -4.37 5.40
N GLY A 11 4.96 -5.38 4.95
CA GLY A 11 4.10 -6.16 5.89
C GLY A 11 2.81 -6.58 5.17
N LYS A 12 2.50 -7.85 5.21
CA LYS A 12 1.25 -8.35 4.54
C LYS A 12 0.01 -7.71 5.17
N SER A 13 0.14 -7.14 6.36
CA SER A 13 -1.03 -6.49 7.03
C SER A 13 -0.72 -5.02 7.29
N THR A 14 -0.05 -4.37 6.36
CA THR A 14 0.30 -2.92 6.54
C THR A 14 -0.97 -2.07 6.61
N PHE A 15 -0.88 -0.90 7.20
CA PHE A 15 -2.07 -0.01 7.31
C PHE A 15 -1.93 1.18 6.34
N CYS A 16 -2.48 1.06 5.17
CA CYS A 16 -2.38 2.17 4.16
C CYS A 16 -3.38 3.28 4.49
N CYS A 17 -3.68 4.14 3.55
CA CYS A 17 -4.65 5.25 3.82
C CYS A 17 -6.08 4.81 3.47
N SER A 18 -6.47 4.92 2.23
CA SER A 18 -7.85 4.50 1.83
C SER A 18 -7.89 4.16 0.33
N GLY A 19 -8.07 2.90 0.01
CA GLY A 19 -8.14 2.48 -1.43
C GLY A 19 -6.73 2.19 -1.95
N TYR A 20 -5.90 1.54 -1.16
CA TYR A 20 -4.51 1.22 -1.63
C TYR A 20 -4.19 -0.25 -1.33
N ASN A 21 -3.25 -0.83 -2.05
CA ASN A 21 -2.89 -2.25 -1.80
C ASN A 21 -1.37 -2.44 -1.83
N CYS A 22 -0.83 -3.12 -0.86
CA CYS A 22 0.66 -3.36 -0.82
C CYS A 22 1.09 -4.22 -2.02
N SER A 23 2.04 -3.76 -2.78
CA SER A 23 2.51 -4.54 -3.97
C SER A 23 3.41 -5.69 -3.52
N PRO A 24 3.21 -6.84 -4.13
CA PRO A 24 4.03 -8.04 -3.79
C PRO A 24 5.46 -7.91 -4.35
N THR A 25 5.66 -7.12 -5.37
CA THR A 25 7.03 -6.96 -5.96
C THR A 25 7.68 -5.65 -5.47
N TRP A 26 6.91 -4.59 -5.38
CA TRP A 26 7.49 -3.28 -4.93
C TRP A 26 7.44 -3.16 -3.40
N LYS A 27 6.60 -3.94 -2.75
CA LYS A 27 6.50 -3.89 -1.25
C LYS A 27 5.89 -2.56 -0.75
N TRP A 28 5.29 -1.78 -1.60
CA TRP A 28 4.66 -0.50 -1.12
C TRP A 28 3.16 -0.48 -1.45
N CYS A 29 2.42 0.42 -0.86
CA CYS A 29 0.95 0.47 -1.11
C CYS A 29 0.65 1.37 -2.32
N VAL A 30 -0.05 0.83 -3.30
CA VAL A 30 -0.40 1.63 -4.52
C VAL A 30 -1.93 1.68 -4.66
N TYR A 31 -2.43 2.49 -5.56
CA TYR A 31 -3.92 2.58 -5.74
C TYR A 31 -4.50 1.19 -5.99
N ALA A 32 -5.47 0.81 -5.21
CA ALA A 32 -6.11 -0.54 -5.39
C ALA A 32 -7.14 -0.47 -6.52
N ARG A 33 -6.99 -1.32 -7.51
CA ARG A 33 -7.95 -1.31 -8.66
C ARG A 33 -9.32 -1.83 -8.20
N PRO A 34 -10.36 -1.11 -8.56
CA PRO A 34 -11.74 -1.51 -8.18
C PRO A 34 -12.19 -2.73 -8.99
N GLY A 1 -0.10 9.09 9.43
CA GLY A 1 -1.18 8.13 9.77
C GLY A 1 -1.20 6.99 8.75
N CYS A 2 -1.58 7.28 7.53
CA CYS A 2 -1.62 6.21 6.48
C CYS A 2 -0.67 6.57 5.32
N GLY A 3 -0.58 5.72 4.33
CA GLY A 3 0.32 6.01 3.17
C GLY A 3 -0.39 5.70 1.86
N GLY A 4 -0.03 6.39 0.80
CA GLY A 4 -0.69 6.15 -0.52
C GLY A 4 0.28 6.50 -1.65
N LEU A 5 0.19 5.82 -2.77
CA LEU A 5 1.09 6.10 -3.93
C LEU A 5 2.55 5.82 -3.57
N MET A 6 3.01 4.61 -3.84
CA MET A 6 4.43 4.24 -3.51
C MET A 6 4.69 4.43 -2.01
N ALA A 7 3.75 4.07 -1.19
CA ALA A 7 3.92 4.21 0.29
C ALA A 7 4.62 2.98 0.87
N GLY A 8 5.82 3.15 1.37
CA GLY A 8 6.57 1.99 1.94
C GLY A 8 5.70 1.26 2.99
N CYS A 9 5.28 0.07 2.68
CA CYS A 9 4.43 -0.71 3.64
C CYS A 9 5.32 -1.66 4.46
N ASP A 10 6.11 -2.45 3.79
CA ASP A 10 7.02 -3.42 4.50
C ASP A 10 6.21 -4.38 5.35
N GLY A 11 5.26 -5.06 4.76
CA GLY A 11 4.43 -6.03 5.54
C GLY A 11 3.18 -6.40 4.72
N LYS A 12 2.95 -7.67 4.52
CA LYS A 12 1.75 -8.10 3.74
C LYS A 12 0.45 -7.70 4.46
N SER A 13 0.52 -7.36 5.72
CA SER A 13 -0.72 -6.96 6.46
C SER A 13 -0.69 -5.45 6.74
N THR A 14 -0.08 -4.68 5.88
CA THR A 14 -0.02 -3.20 6.09
C THR A 14 -1.22 -2.53 5.40
N PHE A 15 -1.76 -1.50 6.01
CA PHE A 15 -2.94 -0.79 5.39
C PHE A 15 -2.48 0.54 4.78
N CYS A 16 -3.37 1.22 4.10
CA CYS A 16 -3.00 2.52 3.45
C CYS A 16 -4.05 3.59 3.73
N CYS A 17 -4.04 4.68 3.00
CA CYS A 17 -5.04 5.77 3.24
C CYS A 17 -6.42 5.36 2.68
N SER A 18 -6.67 5.63 1.42
CA SER A 18 -7.99 5.26 0.82
C SER A 18 -7.82 4.95 -0.67
N GLY A 19 -8.13 3.74 -1.07
CA GLY A 19 -8.00 3.36 -2.50
C GLY A 19 -6.56 2.96 -2.82
N TYR A 20 -5.82 2.49 -1.83
CA TYR A 20 -4.40 2.08 -2.08
C TYR A 20 -4.13 0.72 -1.43
N ASN A 21 -3.24 -0.05 -1.98
CA ASN A 21 -2.93 -1.39 -1.41
C ASN A 21 -1.43 -1.66 -1.45
N CYS A 22 -0.89 -2.26 -0.42
CA CYS A 22 0.57 -2.56 -0.39
C CYS A 22 0.89 -3.73 -1.34
N SER A 23 2.01 -3.67 -2.01
CA SER A 23 2.38 -4.75 -2.97
C SER A 23 3.45 -5.67 -2.35
N PRO A 24 3.35 -6.94 -2.63
CA PRO A 24 4.32 -7.92 -2.10
C PRO A 24 5.65 -7.85 -2.85
N THR A 25 5.62 -7.54 -4.12
CA THR A 25 6.89 -7.45 -4.91
C THR A 25 7.54 -6.07 -4.74
N TRP A 26 6.75 -5.03 -4.72
CA TRP A 26 7.32 -3.65 -4.59
C TRP A 26 7.46 -3.27 -3.10
N LYS A 27 6.69 -3.90 -2.23
CA LYS A 27 6.75 -3.60 -0.77
C LYS A 27 6.12 -2.24 -0.44
N TRP A 28 5.59 -1.52 -1.41
CA TRP A 28 4.95 -0.21 -1.10
C TRP A 28 3.47 -0.21 -1.52
N CYS A 29 2.74 0.80 -1.14
CA CYS A 29 1.29 0.86 -1.48
C CYS A 29 1.07 1.54 -2.84
N VAL A 30 0.11 1.06 -3.59
CA VAL A 30 -0.20 1.67 -4.93
C VAL A 30 -1.71 1.77 -5.11
N TYR A 31 -2.16 2.32 -6.22
CA TYR A 31 -3.63 2.43 -6.44
C TYR A 31 -4.27 1.04 -6.47
N ALA A 32 -5.18 0.77 -5.55
CA ALA A 32 -5.83 -0.57 -5.51
C ALA A 32 -6.79 -0.75 -6.69
N ARG A 33 -6.90 -1.95 -7.20
CA ARG A 33 -7.81 -2.20 -8.36
C ARG A 33 -8.61 -3.49 -8.11
N PRO A 34 -9.47 -3.44 -7.11
CA PRO A 34 -10.32 -4.61 -6.78
C PRO A 34 -11.43 -4.80 -7.83
N GLY A 1 -0.03 9.87 9.31
CA GLY A 1 -1.44 9.37 9.20
C GLY A 1 -1.45 8.05 8.42
N CYS A 2 -1.44 8.12 7.11
CA CYS A 2 -1.45 6.87 6.28
C CYS A 2 -0.54 7.03 5.07
N GLY A 3 -0.40 5.99 4.28
CA GLY A 3 0.49 6.06 3.07
C GLY A 3 -0.28 5.58 1.83
N GLY A 4 -0.10 6.25 0.72
CA GLY A 4 -0.81 5.83 -0.53
C GLY A 4 0.05 6.18 -1.75
N LEU A 5 -0.11 5.44 -2.83
CA LEU A 5 0.69 5.70 -4.09
C LEU A 5 2.19 5.56 -3.81
N MET A 6 2.73 4.39 -4.05
CA MET A 6 4.19 4.14 -3.80
C MET A 6 4.53 4.46 -2.34
N ALA A 7 3.67 4.06 -1.43
CA ALA A 7 3.93 4.34 0.02
C ALA A 7 4.75 3.20 0.64
N GLY A 8 5.88 3.52 1.21
CA GLY A 8 6.74 2.46 1.84
C GLY A 8 5.96 1.77 2.96
N CYS A 9 5.56 0.54 2.75
CA CYS A 9 4.78 -0.19 3.79
C CYS A 9 5.57 -1.38 4.33
N ASP A 10 6.26 -2.09 3.47
CA ASP A 10 7.07 -3.28 3.91
C ASP A 10 6.18 -4.30 4.65
N GLY A 11 5.28 -4.94 3.94
CA GLY A 11 4.38 -5.94 4.57
C GLY A 11 2.99 -5.78 3.98
N LYS A 12 2.50 -6.79 3.28
CA LYS A 12 1.13 -6.70 2.69
C LYS A 12 0.08 -6.42 3.77
N SER A 13 0.39 -6.71 5.00
CA SER A 13 -0.58 -6.46 6.12
C SER A 13 -0.60 -4.97 6.49
N THR A 14 0.44 -4.23 6.14
CA THR A 14 0.48 -2.78 6.47
C THR A 14 -0.74 -2.07 5.90
N PHE A 15 -1.39 -1.24 6.68
CA PHE A 15 -2.60 -0.51 6.19
C PHE A 15 -2.19 0.78 5.47
N CYS A 16 -3.00 1.22 4.54
CA CYS A 16 -2.67 2.48 3.79
C CYS A 16 -3.76 3.54 4.02
N CYS A 17 -3.83 4.53 3.16
CA CYS A 17 -4.87 5.60 3.34
C CYS A 17 -6.27 5.06 3.02
N SER A 18 -6.63 5.01 1.76
CA SER A 18 -7.97 4.50 1.37
C SER A 18 -7.95 4.07 -0.11
N GLY A 19 -8.15 2.80 -0.37
CA GLY A 19 -8.13 2.31 -1.78
C GLY A 19 -6.72 1.85 -2.16
N TYR A 20 -5.75 2.02 -1.28
CA TYR A 20 -4.35 1.57 -1.61
C TYR A 20 -3.98 0.35 -0.76
N ASN A 21 -3.24 -0.57 -1.32
CA ASN A 21 -2.84 -1.79 -0.56
C ASN A 21 -1.34 -2.05 -0.71
N CYS A 22 -0.65 -2.35 0.37
CA CYS A 22 0.82 -2.60 0.30
C CYS A 22 1.12 -3.77 -0.64
N SER A 23 2.17 -3.65 -1.42
CA SER A 23 2.54 -4.75 -2.37
C SER A 23 3.76 -5.51 -1.83
N PRO A 24 3.63 -6.80 -1.77
CA PRO A 24 4.74 -7.67 -1.28
C PRO A 24 5.87 -7.77 -2.31
N THR A 25 5.59 -7.50 -3.56
CA THR A 25 6.65 -7.59 -4.61
C THR A 25 7.38 -6.25 -4.76
N TRP A 26 6.68 -5.16 -4.59
CA TRP A 26 7.34 -3.82 -4.74
C TRP A 26 7.63 -3.20 -3.35
N LYS A 27 7.11 -3.79 -2.30
CA LYS A 27 7.34 -3.26 -0.90
C LYS A 27 6.65 -1.92 -0.64
N TRP A 28 5.82 -1.44 -1.54
CA TRP A 28 5.11 -0.14 -1.28
C TRP A 28 3.61 -0.28 -1.55
N CYS A 29 2.84 0.70 -1.15
CA CYS A 29 1.36 0.64 -1.35
C CYS A 29 0.99 1.25 -2.70
N VAL A 30 0.06 0.65 -3.40
CA VAL A 30 -0.38 1.19 -4.73
C VAL A 30 -1.91 1.20 -4.82
N TYR A 31 -2.44 1.72 -5.89
CA TYR A 31 -3.93 1.76 -6.05
C TYR A 31 -4.49 0.34 -6.16
N ALA A 32 -5.43 -0.01 -5.31
CA ALA A 32 -6.03 -1.37 -5.36
C ALA A 32 -7.39 -1.32 -6.07
N ARG A 33 -7.38 -1.08 -7.35
CA ARG A 33 -8.67 -1.02 -8.11
C ARG A 33 -9.22 -2.44 -8.35
N PRO A 34 -10.53 -2.54 -8.35
CA PRO A 34 -11.19 -3.86 -8.58
C PRO A 34 -11.07 -4.28 -10.05
N GLY A 1 0.64 6.26 11.19
CA GLY A 1 1.39 6.59 9.94
C GLY A 1 0.85 5.75 8.78
N CYS A 2 0.41 6.39 7.73
CA CYS A 2 -0.13 5.63 6.56
C CYS A 2 0.62 6.03 5.27
N GLY A 3 0.20 5.51 4.15
CA GLY A 3 0.88 5.85 2.86
C GLY A 3 -0.08 5.63 1.69
N GLY A 4 0.13 6.32 0.59
CA GLY A 4 -0.76 6.16 -0.60
C GLY A 4 0.04 6.41 -1.88
N LEU A 5 -0.11 5.53 -2.86
CA LEU A 5 0.63 5.69 -4.17
C LEU A 5 2.15 5.58 -3.97
N MET A 6 2.69 4.40 -4.21
CA MET A 6 4.17 4.17 -4.04
C MET A 6 4.60 4.59 -2.64
N ALA A 7 3.76 4.39 -1.66
CA ALA A 7 4.11 4.77 -0.25
C ALA A 7 4.79 3.62 0.46
N GLY A 8 5.94 3.86 1.05
CA GLY A 8 6.66 2.77 1.77
C GLY A 8 5.78 2.22 2.90
N CYS A 9 5.34 0.99 2.78
CA CYS A 9 4.48 0.40 3.84
C CYS A 9 5.21 -0.78 4.51
N ASP A 10 5.80 -1.65 3.73
CA ASP A 10 6.53 -2.84 4.29
C ASP A 10 5.62 -3.65 5.21
N GLY A 11 4.87 -4.58 4.65
CA GLY A 11 3.96 -5.40 5.48
C GLY A 11 2.75 -5.79 4.63
N LYS A 12 2.57 -7.06 4.37
CA LYS A 12 1.40 -7.52 3.55
C LYS A 12 0.09 -7.16 4.26
N SER A 13 0.14 -6.91 5.54
CA SER A 13 -1.11 -6.54 6.30
C SER A 13 -1.32 -5.02 6.28
N THR A 14 -0.30 -4.26 5.98
CA THR A 14 -0.44 -2.76 5.95
C THR A 14 -1.51 -2.36 4.93
N PHE A 15 -2.54 -1.68 5.38
CA PHE A 15 -3.64 -1.26 4.46
C PHE A 15 -3.40 0.17 3.93
N CYS A 16 -2.17 0.65 3.99
CA CYS A 16 -1.88 2.04 3.49
C CYS A 16 -2.76 3.06 4.23
N CYS A 17 -3.12 4.15 3.58
CA CYS A 17 -3.98 5.16 4.25
C CYS A 17 -5.45 4.90 3.91
N SER A 18 -5.83 5.04 2.67
CA SER A 18 -7.25 4.79 2.27
C SER A 18 -7.36 4.58 0.75
N GLY A 19 -7.79 3.43 0.33
CA GLY A 19 -7.93 3.14 -1.14
C GLY A 19 -6.58 2.73 -1.72
N TYR A 20 -5.73 2.10 -0.94
CA TYR A 20 -4.40 1.67 -1.47
C TYR A 20 -4.08 0.24 -0.99
N ASN A 21 -3.07 -0.37 -1.55
CA ASN A 21 -2.70 -1.76 -1.14
C ASN A 21 -1.18 -1.90 -1.09
N CYS A 22 -0.64 -2.31 0.03
CA CYS A 22 0.83 -2.49 0.15
C CYS A 22 1.30 -3.70 -0.66
N SER A 23 2.12 -3.48 -1.66
CA SER A 23 2.60 -4.61 -2.51
C SER A 23 3.64 -5.43 -1.73
N PRO A 24 3.47 -6.73 -1.74
CA PRO A 24 4.41 -7.64 -1.03
C PRO A 24 5.74 -7.75 -1.80
N THR A 25 5.74 -7.49 -3.08
CA THR A 25 7.00 -7.59 -3.88
C THR A 25 7.66 -6.20 -4.02
N TRP A 26 6.88 -5.16 -4.13
CA TRP A 26 7.46 -3.78 -4.27
C TRP A 26 7.62 -3.11 -2.91
N LYS A 27 6.92 -3.59 -1.90
CA LYS A 27 7.01 -3.02 -0.51
C LYS A 27 6.36 -1.62 -0.42
N TRP A 28 5.69 -1.14 -1.45
CA TRP A 28 5.04 0.20 -1.34
C TRP A 28 3.52 0.08 -1.51
N CYS A 29 2.80 1.10 -1.12
CA CYS A 29 1.31 1.07 -1.23
C CYS A 29 0.83 1.77 -2.50
N VAL A 30 0.08 1.08 -3.32
CA VAL A 30 -0.44 1.69 -4.59
C VAL A 30 -1.97 1.67 -4.61
N TYR A 31 -2.58 2.34 -5.55
CA TYR A 31 -4.08 2.35 -5.63
C TYR A 31 -4.64 0.92 -5.62
N ALA A 32 -5.79 0.72 -5.03
CA ALA A 32 -6.38 -0.65 -4.99
C ALA A 32 -7.51 -0.77 -6.01
N ARG A 33 -7.23 -1.34 -7.16
CA ARG A 33 -8.28 -1.49 -8.21
C ARG A 33 -8.01 -2.73 -9.07
N PRO A 34 -8.54 -3.84 -8.65
CA PRO A 34 -8.36 -5.12 -9.40
C PRO A 34 -9.15 -5.11 -10.71
N GLY A 1 -0.76 6.20 9.48
CA GLY A 1 -2.13 6.77 9.34
C GLY A 1 -2.57 6.72 7.88
N CYS A 2 -2.07 7.62 7.07
CA CYS A 2 -2.45 7.63 5.62
C CYS A 2 -1.21 7.43 4.74
N GLY A 3 -1.02 6.24 4.21
CA GLY A 3 0.16 5.98 3.34
C GLY A 3 -0.30 5.39 2.01
N GLY A 4 0.03 6.01 0.91
CA GLY A 4 -0.40 5.48 -0.41
C GLY A 4 0.49 6.07 -1.52
N LEU A 5 0.28 5.63 -2.75
CA LEU A 5 1.09 6.13 -3.91
C LEU A 5 2.60 5.89 -3.68
N MET A 6 3.08 4.72 -4.06
CA MET A 6 4.52 4.38 -3.87
C MET A 6 4.92 4.55 -2.40
N ALA A 7 4.04 4.20 -1.50
CA ALA A 7 4.35 4.33 -0.04
C ALA A 7 5.02 3.05 0.47
N GLY A 8 6.33 3.04 0.54
CA GLY A 8 7.06 1.83 1.03
C GLY A 8 6.62 1.50 2.45
N CYS A 9 5.80 0.48 2.59
CA CYS A 9 5.33 0.08 3.96
C CYS A 9 5.95 -1.25 4.39
N ASP A 10 6.21 -2.14 3.45
CA ASP A 10 6.82 -3.47 3.79
C ASP A 10 5.87 -4.31 4.65
N GLY A 11 5.15 -5.23 4.04
CA GLY A 11 4.21 -6.07 4.80
C GLY A 11 2.91 -6.22 4.00
N LYS A 12 2.58 -7.44 3.62
CA LYS A 12 1.32 -7.66 2.85
C LYS A 12 0.09 -7.34 3.70
N SER A 13 0.26 -7.21 5.00
CA SER A 13 -0.90 -6.89 5.89
C SER A 13 -0.83 -5.44 6.39
N THR A 14 0.05 -4.64 5.82
CA THR A 14 0.16 -3.21 6.25
C THR A 14 -1.04 -2.41 5.73
N PHE A 15 -1.55 -1.50 6.54
CA PHE A 15 -2.71 -0.68 6.09
C PHE A 15 -2.24 0.59 5.36
N CYS A 16 -3.12 1.23 4.63
CA CYS A 16 -2.73 2.46 3.89
C CYS A 16 -3.75 3.58 4.17
N CYS A 17 -3.81 4.59 3.35
CA CYS A 17 -4.78 5.71 3.59
C CYS A 17 -6.22 5.21 3.47
N SER A 18 -6.64 4.83 2.29
CA SER A 18 -8.04 4.34 2.09
C SER A 18 -8.21 3.74 0.69
N GLY A 19 -7.74 4.43 -0.31
CA GLY A 19 -7.86 3.93 -1.71
C GLY A 19 -6.51 3.40 -2.20
N TYR A 20 -5.69 2.92 -1.29
CA TYR A 20 -4.35 2.39 -1.70
C TYR A 20 -4.12 1.01 -1.08
N ASN A 21 -3.22 0.24 -1.65
CA ASN A 21 -2.94 -1.12 -1.10
C ASN A 21 -1.45 -1.46 -1.25
N CYS A 22 -0.82 -1.89 -0.17
CA CYS A 22 0.63 -2.25 -0.24
C CYS A 22 0.84 -3.49 -1.13
N SER A 23 1.71 -3.39 -2.10
CA SER A 23 1.96 -4.56 -3.01
C SER A 23 2.97 -5.51 -2.37
N PRO A 24 2.74 -6.79 -2.55
CA PRO A 24 3.64 -7.82 -1.98
C PRO A 24 4.97 -7.90 -2.77
N THR A 25 4.96 -7.51 -4.02
CA THR A 25 6.21 -7.57 -4.84
C THR A 25 6.89 -6.18 -4.91
N TRP A 26 6.12 -5.13 -4.87
CA TRP A 26 6.73 -3.75 -4.94
C TRP A 26 7.11 -3.25 -3.55
N LYS A 27 6.49 -3.79 -2.51
CA LYS A 27 6.79 -3.36 -1.11
C LYS A 27 6.20 -1.96 -0.79
N TRP A 28 5.56 -1.30 -1.74
CA TRP A 28 4.96 0.04 -1.44
C TRP A 28 3.46 0.03 -1.73
N CYS A 29 2.75 1.03 -1.24
CA CYS A 29 1.27 1.09 -1.46
C CYS A 29 0.94 1.84 -2.75
N VAL A 30 0.05 1.29 -3.54
CA VAL A 30 -0.37 1.94 -4.82
C VAL A 30 -1.90 2.09 -4.85
N TYR A 31 -2.45 2.47 -5.97
CA TYR A 31 -3.94 2.61 -6.05
C TYR A 31 -4.61 1.25 -5.81
N ALA A 32 -5.64 1.22 -4.99
CA ALA A 32 -6.34 -0.07 -4.70
C ALA A 32 -6.90 -0.67 -5.99
N ARG A 33 -6.64 -1.93 -6.24
CA ARG A 33 -7.15 -2.59 -7.48
C ARG A 33 -7.91 -3.87 -7.12
N PRO A 34 -9.20 -3.86 -7.35
CA PRO A 34 -10.05 -5.04 -7.05
C PRO A 34 -9.78 -6.17 -8.06
N GLY A 1 -0.16 8.13 10.18
CA GLY A 1 -1.31 8.31 9.24
C GLY A 1 -1.38 7.14 8.26
N CYS A 2 -1.55 7.42 6.99
CA CYS A 2 -1.64 6.31 5.98
C CYS A 2 -0.62 6.55 4.86
N GLY A 3 -0.53 5.63 3.92
CA GLY A 3 0.43 5.78 2.79
C GLY A 3 -0.25 5.41 1.47
N GLY A 4 0.01 6.16 0.44
CA GLY A 4 -0.61 5.85 -0.90
C GLY A 4 0.38 6.22 -2.02
N LEU A 5 0.31 5.53 -3.13
CA LEU A 5 1.23 5.81 -4.28
C LEU A 5 2.70 5.66 -3.84
N MET A 6 3.26 4.48 -4.02
CA MET A 6 4.68 4.23 -3.63
C MET A 6 4.88 4.49 -2.13
N ALA A 7 3.91 4.14 -1.33
CA ALA A 7 4.03 4.35 0.15
C ALA A 7 4.67 3.12 0.81
N GLY A 8 5.86 3.26 1.32
CA GLY A 8 6.55 2.11 1.97
C GLY A 8 5.63 1.45 3.01
N CYS A 9 5.13 0.28 2.70
CA CYS A 9 4.22 -0.43 3.66
C CYS A 9 4.93 -1.66 4.26
N ASP A 10 5.63 -2.40 3.44
CA ASP A 10 6.37 -3.61 3.93
C ASP A 10 5.43 -4.58 4.65
N GLY A 11 4.58 -5.26 3.92
CA GLY A 11 3.64 -6.22 4.56
C GLY A 11 2.23 -6.00 4.00
N LYS A 12 1.61 -7.06 3.51
CA LYS A 12 0.22 -6.92 2.98
C LYS A 12 -0.76 -6.60 4.11
N SER A 13 -0.33 -6.72 5.35
CA SER A 13 -1.25 -6.41 6.50
C SER A 13 -1.06 -4.95 6.95
N THR A 14 -0.40 -4.13 6.16
CA THR A 14 -0.20 -2.71 6.54
C THR A 14 -1.51 -1.91 6.41
N PHE A 15 -1.47 -0.62 6.59
CA PHE A 15 -2.72 0.19 6.46
C PHE A 15 -2.47 1.38 5.53
N CYS A 16 -2.82 1.26 4.28
CA CYS A 16 -2.61 2.38 3.31
C CYS A 16 -3.70 3.46 3.51
N CYS A 17 -3.77 4.41 2.61
CA CYS A 17 -4.80 5.49 2.76
C CYS A 17 -6.18 4.98 2.29
N SER A 18 -6.54 5.21 1.05
CA SER A 18 -7.87 4.73 0.56
C SER A 18 -7.78 4.29 -0.90
N GLY A 19 -7.95 3.02 -1.16
CA GLY A 19 -7.88 2.51 -2.56
C GLY A 19 -6.43 2.22 -2.95
N TYR A 20 -5.64 1.71 -2.04
CA TYR A 20 -4.21 1.39 -2.37
C TYR A 20 -3.86 -0.01 -1.88
N ASN A 21 -2.98 -0.69 -2.57
CA ASN A 21 -2.58 -2.07 -2.16
C ASN A 21 -1.07 -2.17 -1.96
N CYS A 22 -0.63 -2.66 -0.82
CA CYS A 22 0.83 -2.79 -0.56
C CYS A 22 1.43 -3.87 -1.46
N SER A 23 2.40 -3.51 -2.28
CA SER A 23 3.02 -4.53 -3.19
C SER A 23 3.98 -5.42 -2.39
N PRO A 24 3.82 -6.71 -2.57
CA PRO A 24 4.68 -7.70 -1.86
C PRO A 24 6.11 -7.71 -2.45
N THR A 25 6.26 -7.30 -3.69
CA THR A 25 7.61 -7.29 -4.32
C THR A 25 8.22 -5.89 -4.28
N TRP A 26 7.40 -4.88 -4.44
CA TRP A 26 7.92 -3.47 -4.41
C TRP A 26 8.01 -2.94 -2.98
N LYS A 27 7.30 -3.56 -2.05
CA LYS A 27 7.34 -3.13 -0.61
C LYS A 27 6.62 -1.78 -0.40
N TRP A 28 5.92 -1.27 -1.38
CA TRP A 28 5.20 0.03 -1.17
C TRP A 28 3.73 -0.09 -1.63
N CYS A 29 2.88 0.79 -1.18
CA CYS A 29 1.44 0.72 -1.57
C CYS A 29 1.18 1.52 -2.85
N VAL A 30 0.45 0.95 -3.77
CA VAL A 30 0.13 1.66 -5.05
C VAL A 30 -1.39 1.65 -5.26
N TYR A 31 -1.86 2.19 -6.36
CA TYR A 31 -3.34 2.21 -6.61
C TYR A 31 -3.88 0.78 -6.71
N ALA A 32 -4.99 0.51 -6.08
CA ALA A 32 -5.57 -0.87 -6.13
C ALA A 32 -6.92 -0.86 -6.86
N ARG A 33 -7.56 -2.00 -6.96
CA ARG A 33 -8.89 -2.10 -7.65
C ARG A 33 -8.78 -1.62 -9.11
N PRO A 34 -8.40 -2.53 -9.97
CA PRO A 34 -8.25 -2.21 -11.42
C PRO A 34 -9.63 -2.00 -12.07
N GLY A 1 -2.77 4.94 9.98
CA GLY A 1 -1.69 5.48 9.09
C GLY A 1 -2.24 5.73 7.69
N CYS A 2 -1.86 6.82 7.08
CA CYS A 2 -2.37 7.14 5.71
C CYS A 2 -1.22 7.02 4.68
N GLY A 3 -1.04 5.85 4.11
CA GLY A 3 0.04 5.65 3.11
C GLY A 3 -0.58 5.33 1.75
N GLY A 4 -0.30 6.11 0.74
CA GLY A 4 -0.88 5.85 -0.60
C GLY A 4 0.09 6.32 -1.70
N LEU A 5 -0.07 5.80 -2.90
CA LEU A 5 0.82 6.19 -4.04
C LEU A 5 2.30 5.97 -3.70
N MET A 6 2.78 4.76 -3.92
CA MET A 6 4.21 4.42 -3.62
C MET A 6 4.53 4.69 -2.13
N ALA A 7 3.59 4.41 -1.26
CA ALA A 7 3.84 4.62 0.20
C ALA A 7 4.53 3.39 0.79
N GLY A 8 5.66 3.57 1.44
CA GLY A 8 6.40 2.42 2.03
C GLY A 8 5.47 1.62 2.97
N CYS A 9 5.07 0.44 2.55
CA CYS A 9 4.17 -0.39 3.40
C CYS A 9 4.92 -1.60 3.96
N ASP A 10 5.73 -2.23 3.16
CA ASP A 10 6.52 -3.43 3.62
C ASP A 10 5.63 -4.41 4.40
N GLY A 11 4.83 -5.18 3.70
CA GLY A 11 3.95 -6.16 4.39
C GLY A 11 2.57 -6.18 3.71
N LYS A 12 2.12 -7.34 3.29
CA LYS A 12 0.77 -7.43 2.63
C LYS A 12 -0.34 -7.07 3.63
N SER A 13 -0.03 -7.00 4.91
CA SER A 13 -1.08 -6.65 5.92
C SER A 13 -0.76 -5.28 6.55
N THR A 14 -0.17 -4.39 5.79
CA THR A 14 0.17 -3.03 6.34
C THR A 14 -1.10 -2.18 6.50
N PHE A 15 -0.94 -0.91 6.77
CA PHE A 15 -2.13 0.00 6.95
C PHE A 15 -2.02 1.21 6.02
N CYS A 16 -2.59 1.13 4.84
CA CYS A 16 -2.54 2.29 3.88
C CYS A 16 -3.63 3.30 4.24
N CYS A 17 -3.83 4.31 3.42
CA CYS A 17 -4.88 5.32 3.72
C CYS A 17 -6.27 4.82 3.30
N SER A 18 -6.56 4.81 2.02
CA SER A 18 -7.89 4.33 1.55
C SER A 18 -7.84 4.02 0.05
N GLY A 19 -8.21 2.83 -0.34
CA GLY A 19 -8.17 2.46 -1.78
C GLY A 19 -6.73 2.25 -2.24
N TYR A 20 -5.85 1.84 -1.35
CA TYR A 20 -4.43 1.61 -1.73
C TYR A 20 -3.99 0.19 -1.32
N ASN A 21 -3.47 -0.57 -2.25
CA ASN A 21 -3.02 -1.95 -1.93
C ASN A 21 -1.49 -2.01 -1.88
N CYS A 22 -0.94 -2.60 -0.85
CA CYS A 22 0.56 -2.69 -0.74
C CYS A 22 1.07 -3.91 -1.51
N SER A 23 2.07 -3.72 -2.34
CA SER A 23 2.62 -4.87 -3.12
C SER A 23 3.81 -5.49 -2.36
N PRO A 24 3.84 -6.80 -2.33
CA PRO A 24 4.93 -7.53 -1.63
C PRO A 24 6.24 -7.43 -2.42
N THR A 25 6.16 -7.31 -3.72
CA THR A 25 7.41 -7.20 -4.55
C THR A 25 7.87 -5.75 -4.63
N TRP A 26 6.95 -4.82 -4.67
CA TRP A 26 7.33 -3.37 -4.75
C TRP A 26 7.54 -2.78 -3.34
N LYS A 27 6.95 -3.41 -2.33
CA LYS A 27 7.09 -2.92 -0.92
C LYS A 27 6.40 -1.55 -0.71
N TRP A 28 5.54 -1.13 -1.61
CA TRP A 28 4.85 0.18 -1.41
C TRP A 28 3.33 0.05 -1.65
N CYS A 29 2.56 1.03 -1.26
CA CYS A 29 1.08 0.96 -1.45
C CYS A 29 0.64 1.86 -2.61
N VAL A 30 -0.18 1.35 -3.48
CA VAL A 30 -0.68 2.16 -4.65
C VAL A 30 -2.19 1.96 -4.84
N TYR A 31 -2.80 2.72 -5.71
CA TYR A 31 -4.28 2.57 -5.94
C TYR A 31 -4.64 1.10 -6.18
N ALA A 32 -5.77 0.66 -5.68
CA ALA A 32 -6.18 -0.76 -5.85
C ALA A 32 -7.46 -0.85 -6.70
N ARG A 33 -7.91 -2.05 -6.98
CA ARG A 33 -9.15 -2.23 -7.79
C ARG A 33 -10.14 -3.17 -7.09
N PRO A 34 -10.69 -2.69 -5.99
CA PRO A 34 -11.65 -3.52 -5.21
C PRO A 34 -12.99 -3.63 -5.96
N GLY A 1 -0.92 9.09 9.16
CA GLY A 1 -0.24 7.92 8.54
C GLY A 1 -1.07 7.39 7.37
N CYS A 2 -1.12 8.11 6.28
CA CYS A 2 -1.91 7.66 5.10
C CYS A 2 -0.97 7.24 3.97
N GLY A 3 -0.75 5.96 3.82
CA GLY A 3 0.17 5.47 2.74
C GLY A 3 -0.62 5.23 1.45
N GLY A 4 -0.44 6.08 0.47
CA GLY A 4 -1.19 5.89 -0.81
C GLY A 4 -0.28 6.22 -2.01
N LEU A 5 -0.38 5.44 -3.06
CA LEU A 5 0.45 5.67 -4.29
C LEU A 5 1.95 5.53 -3.97
N MET A 6 2.50 4.35 -4.15
CA MET A 6 3.95 4.10 -3.86
C MET A 6 4.26 4.43 -2.39
N ALA A 7 3.38 4.05 -1.50
CA ALA A 7 3.62 4.31 -0.05
C ALA A 7 4.41 3.15 0.57
N GLY A 8 5.46 3.46 1.29
CA GLY A 8 6.28 2.38 1.91
C GLY A 8 5.40 1.46 2.77
N CYS A 9 5.21 0.24 2.33
CA CYS A 9 4.36 -0.73 3.10
C CYS A 9 5.26 -1.74 3.81
N ASP A 10 5.84 -2.66 3.06
CA ASP A 10 6.74 -3.69 3.65
C ASP A 10 6.04 -4.44 4.79
N GLY A 11 4.98 -5.15 4.48
CA GLY A 11 4.25 -5.91 5.53
C GLY A 11 2.81 -6.15 5.08
N LYS A 12 2.36 -7.38 5.09
CA LYS A 12 0.95 -7.68 4.66
C LYS A 12 -0.06 -7.06 5.64
N SER A 13 0.38 -6.63 6.80
CA SER A 13 -0.55 -6.02 7.79
C SER A 13 -0.59 -4.50 7.66
N THR A 14 -0.02 -3.94 6.61
CA THR A 14 -0.04 -2.46 6.44
C THR A 14 -1.49 -1.97 6.25
N PHE A 15 -1.76 -0.73 6.57
CA PHE A 15 -3.15 -0.20 6.42
C PHE A 15 -3.24 0.83 5.29
N CYS A 16 -2.12 1.41 4.88
CA CYS A 16 -2.13 2.43 3.79
C CYS A 16 -3.10 3.57 4.16
N CYS A 17 -3.61 4.28 3.18
CA CYS A 17 -4.54 5.41 3.47
C CYS A 17 -5.99 4.93 3.26
N SER A 18 -6.64 5.32 2.19
CA SER A 18 -8.04 4.88 1.93
C SER A 18 -8.16 4.36 0.50
N GLY A 19 -8.26 3.07 0.34
CA GLY A 19 -8.39 2.49 -1.03
C GLY A 19 -7.00 2.23 -1.64
N TYR A 20 -6.16 1.51 -0.92
CA TYR A 20 -4.79 1.22 -1.45
C TYR A 20 -4.41 -0.23 -1.17
N ASN A 21 -3.64 -0.84 -2.04
CA ASN A 21 -3.22 -2.25 -1.84
C ASN A 21 -1.69 -2.35 -1.75
N CYS A 22 -1.18 -3.02 -0.74
CA CYS A 22 0.31 -3.15 -0.61
C CYS A 22 0.84 -4.16 -1.63
N SER A 23 1.96 -3.85 -2.24
CA SER A 23 2.54 -4.79 -3.25
C SER A 23 3.70 -5.59 -2.63
N PRO A 24 3.69 -6.88 -2.85
CA PRO A 24 4.74 -7.77 -2.30
C PRO A 24 6.05 -7.61 -3.09
N THR A 25 5.96 -7.53 -4.39
CA THR A 25 7.19 -7.38 -5.24
C THR A 25 7.66 -5.92 -5.26
N TRP A 26 6.77 -4.99 -5.04
CA TRP A 26 7.16 -3.54 -5.06
C TRP A 26 7.39 -3.01 -3.64
N LYS A 27 6.87 -3.69 -2.63
CA LYS A 27 7.05 -3.28 -1.20
C LYS A 27 6.30 -1.98 -0.84
N TRP A 28 5.47 -1.45 -1.72
CA TRP A 28 4.72 -0.19 -1.37
C TRP A 28 3.23 -0.33 -1.68
N CYS A 29 2.42 0.55 -1.12
CA CYS A 29 0.94 0.48 -1.36
C CYS A 29 0.55 1.35 -2.56
N VAL A 30 -0.32 0.86 -3.40
CA VAL A 30 -0.77 1.64 -4.59
C VAL A 30 -2.30 1.73 -4.61
N TYR A 31 -2.85 2.50 -5.51
CA TYR A 31 -4.34 2.63 -5.57
C TYR A 31 -4.98 1.24 -5.78
N ALA A 32 -6.00 0.93 -5.00
CA ALA A 32 -6.67 -0.40 -5.13
C ALA A 32 -7.31 -0.55 -6.52
N ARG A 33 -7.07 -1.66 -7.17
CA ARG A 33 -7.66 -1.87 -8.53
C ARG A 33 -8.54 -3.14 -8.54
N PRO A 34 -9.80 -2.95 -8.83
CA PRO A 34 -10.76 -4.09 -8.87
C PRO A 34 -10.59 -4.92 -10.16
N GLY A 1 -3.65 9.13 9.94
CA GLY A 1 -2.24 9.05 9.44
C GLY A 1 -2.04 7.74 8.68
N CYS A 2 -2.24 7.75 7.39
CA CYS A 2 -2.07 6.51 6.58
C CYS A 2 -1.11 6.76 5.40
N GLY A 3 -0.83 5.74 4.61
CA GLY A 3 0.10 5.92 3.45
C GLY A 3 -0.59 5.45 2.17
N GLY A 4 -0.28 6.07 1.06
CA GLY A 4 -0.92 5.66 -0.24
C GLY A 4 -0.05 6.13 -1.41
N LEU A 5 -0.22 5.52 -2.57
CA LEU A 5 0.58 5.91 -3.78
C LEU A 5 2.09 5.77 -3.49
N MET A 6 2.64 4.61 -3.77
CA MET A 6 4.11 4.39 -3.53
C MET A 6 4.44 4.60 -2.05
N ALA A 7 3.53 4.26 -1.16
CA ALA A 7 3.80 4.44 0.30
C ALA A 7 4.58 3.23 0.83
N GLY A 8 5.62 3.48 1.60
CA GLY A 8 6.43 2.35 2.15
C GLY A 8 5.53 1.41 2.96
N CYS A 9 5.35 0.20 2.50
CA CYS A 9 4.50 -0.77 3.24
C CYS A 9 5.37 -1.68 4.11
N ASP A 10 6.26 -2.43 3.51
CA ASP A 10 7.17 -3.34 4.27
C ASP A 10 6.38 -4.27 5.19
N GLY A 11 5.46 -5.04 4.64
CA GLY A 11 4.66 -5.97 5.48
C GLY A 11 3.33 -6.28 4.78
N LYS A 12 3.02 -7.54 4.61
CA LYS A 12 1.73 -7.92 3.94
C LYS A 12 0.51 -7.43 4.75
N SER A 13 0.71 -7.09 5.99
CA SER A 13 -0.43 -6.60 6.83
C SER A 13 -0.20 -5.15 7.27
N THR A 14 0.41 -4.36 6.42
CA THR A 14 0.67 -2.92 6.77
C THR A 14 -0.65 -2.11 6.78
N PHE A 15 -0.57 -0.85 7.10
CA PHE A 15 -1.80 -0.01 7.13
C PHE A 15 -1.70 1.13 6.10
N CYS A 16 -2.61 1.17 5.15
CA CYS A 16 -2.59 2.24 4.11
C CYS A 16 -3.83 3.13 4.25
N CYS A 17 -4.05 4.02 3.31
CA CYS A 17 -5.24 4.93 3.38
C CYS A 17 -6.49 4.19 2.89
N SER A 18 -6.94 4.46 1.69
CA SER A 18 -8.16 3.77 1.14
C SER A 18 -7.99 3.54 -0.36
N GLY A 19 -8.04 2.30 -0.79
CA GLY A 19 -7.88 2.00 -2.24
C GLY A 19 -6.40 1.81 -2.58
N TYR A 20 -5.60 1.42 -1.60
CA TYR A 20 -4.14 1.21 -1.86
C TYR A 20 -3.73 -0.17 -1.33
N ASN A 21 -3.12 -0.97 -2.16
CA ASN A 21 -2.70 -2.33 -1.71
C ASN A 21 -1.17 -2.44 -1.66
N CYS A 22 -0.67 -3.15 -0.68
CA CYS A 22 0.82 -3.30 -0.57
C CYS A 22 1.32 -4.36 -1.57
N SER A 23 2.28 -4.00 -2.39
CA SER A 23 2.83 -4.97 -3.38
C SER A 23 3.88 -5.87 -2.72
N PRO A 24 3.81 -7.15 -3.03
CA PRO A 24 4.78 -8.12 -2.45
C PRO A 24 6.15 -8.01 -3.14
N THR A 25 6.17 -7.65 -4.40
CA THR A 25 7.46 -7.53 -5.13
C THR A 25 8.06 -6.12 -4.95
N TRP A 26 7.24 -5.13 -4.74
CA TRP A 26 7.77 -3.74 -4.56
C TRP A 26 7.78 -3.33 -3.08
N LYS A 27 6.97 -3.97 -2.27
CA LYS A 27 6.93 -3.66 -0.80
C LYS A 27 6.35 -2.26 -0.51
N TRP A 28 5.49 -1.74 -1.36
CA TRP A 28 4.88 -0.40 -1.09
C TRP A 28 3.38 -0.42 -1.37
N CYS A 29 2.66 0.62 -1.01
CA CYS A 29 1.19 0.65 -1.26
C CYS A 29 0.88 1.42 -2.54
N VAL A 30 0.18 0.80 -3.46
CA VAL A 30 -0.17 1.47 -4.76
C VAL A 30 -1.69 1.47 -4.97
N TYR A 31 -2.17 2.29 -5.86
CA TYR A 31 -3.64 2.34 -6.12
C TYR A 31 -4.13 0.97 -6.60
N ALA A 32 -5.20 0.48 -6.01
CA ALA A 32 -5.76 -0.84 -6.42
C ALA A 32 -7.04 -0.66 -7.24
N ARG A 33 -7.37 -1.62 -8.07
CA ARG A 33 -8.61 -1.51 -8.90
C ARG A 33 -9.50 -2.74 -8.68
N PRO A 34 -10.73 -2.49 -8.29
CA PRO A 34 -11.69 -3.59 -8.04
C PRO A 34 -12.16 -4.22 -9.37
N GLY A 1 0.41 5.25 8.94
CA GLY A 1 -0.46 6.43 8.64
C GLY A 1 -1.26 6.17 7.36
N CYS A 2 -1.15 7.06 6.40
CA CYS A 2 -1.88 6.87 5.11
C CYS A 2 -0.91 6.50 3.99
N GLY A 3 -0.78 5.23 3.69
CA GLY A 3 0.15 4.78 2.63
C GLY A 3 -0.59 4.68 1.29
N GLY A 4 -0.28 5.55 0.36
CA GLY A 4 -0.97 5.50 -0.96
C GLY A 4 -0.03 6.01 -2.06
N LEU A 5 -0.18 5.49 -3.27
CA LEU A 5 0.68 5.93 -4.42
C LEU A 5 2.17 5.70 -4.12
N MET A 6 2.66 4.50 -4.38
CA MET A 6 4.10 4.18 -4.13
C MET A 6 4.49 4.45 -2.67
N ALA A 7 3.60 4.18 -1.76
CA ALA A 7 3.92 4.42 -0.31
C ALA A 7 4.54 3.16 0.31
N GLY A 8 5.84 3.14 0.47
CA GLY A 8 6.52 1.95 1.06
C GLY A 8 5.90 1.58 2.40
N CYS A 9 5.21 0.48 2.47
CA CYS A 9 4.57 0.05 3.76
C CYS A 9 5.34 -1.12 4.38
N ASP A 10 5.77 -2.06 3.56
CA ASP A 10 6.55 -3.24 4.06
C ASP A 10 5.80 -3.98 5.18
N GLY A 11 5.07 -5.01 4.84
CA GLY A 11 4.32 -5.78 5.87
C GLY A 11 3.05 -6.36 5.25
N LYS A 12 2.91 -7.67 5.26
CA LYS A 12 1.69 -8.32 4.69
C LYS A 12 0.44 -7.87 5.48
N SER A 13 0.63 -7.35 6.67
CA SER A 13 -0.53 -6.90 7.49
C SER A 13 -0.44 -5.38 7.73
N THR A 14 0.13 -4.65 6.81
CA THR A 14 0.25 -3.17 6.98
C THR A 14 -1.10 -2.48 6.66
N PHE A 15 -1.30 -1.29 7.15
CA PHE A 15 -2.59 -0.58 6.87
C PHE A 15 -2.33 0.68 6.03
N CYS A 16 -2.79 0.68 4.80
CA CYS A 16 -2.58 1.88 3.92
C CYS A 16 -3.61 2.97 4.24
N CYS A 17 -3.76 3.96 3.39
CA CYS A 17 -4.75 5.04 3.67
C CYS A 17 -6.18 4.57 3.30
N SER A 18 -6.51 4.55 2.04
CA SER A 18 -7.86 4.10 1.61
C SER A 18 -7.88 3.88 0.09
N GLY A 19 -8.24 2.69 -0.34
CA GLY A 19 -8.27 2.41 -1.79
C GLY A 19 -6.84 2.18 -2.31
N TYR A 20 -5.95 1.67 -1.48
CA TYR A 20 -4.55 1.41 -1.93
C TYR A 20 -4.16 -0.04 -1.63
N ASN A 21 -3.27 -0.60 -2.43
CA ASN A 21 -2.84 -2.01 -2.20
C ASN A 21 -1.32 -2.09 -2.11
N CYS A 22 -0.80 -2.75 -1.09
CA CYS A 22 0.68 -2.87 -0.94
C CYS A 22 1.19 -4.08 -1.72
N SER A 23 2.19 -3.89 -2.53
CA SER A 23 2.75 -5.02 -3.33
C SER A 23 3.88 -5.72 -2.55
N PRO A 24 3.97 -7.01 -2.70
CA PRO A 24 5.02 -7.79 -1.99
C PRO A 24 6.39 -7.57 -2.64
N THR A 25 6.46 -7.54 -3.95
CA THR A 25 7.76 -7.33 -4.64
C THR A 25 8.18 -5.86 -4.59
N TRP A 26 7.24 -4.96 -4.64
CA TRP A 26 7.58 -3.50 -4.59
C TRP A 26 7.63 -2.99 -3.14
N LYS A 27 6.86 -3.61 -2.27
CA LYS A 27 6.82 -3.20 -0.82
C LYS A 27 6.14 -1.84 -0.62
N TRP A 28 5.49 -1.29 -1.62
CA TRP A 28 4.81 0.03 -1.42
C TRP A 28 3.31 -0.09 -1.72
N CYS A 29 2.54 0.90 -1.33
CA CYS A 29 1.07 0.86 -1.56
C CYS A 29 0.69 1.74 -2.75
N VAL A 30 -0.06 1.20 -3.68
CA VAL A 30 -0.47 2.00 -4.88
C VAL A 30 -2.00 2.00 -5.01
N TYR A 31 -2.53 2.74 -5.95
CA TYR A 31 -4.01 2.79 -6.13
C TYR A 31 -4.56 1.40 -6.49
N ALA A 32 -5.66 1.02 -5.91
CA ALA A 32 -6.26 -0.32 -6.22
C ALA A 32 -6.93 -0.29 -7.59
N ARG A 33 -7.71 -1.30 -7.91
CA ARG A 33 -8.40 -1.34 -9.23
C ARG A 33 -9.93 -1.33 -9.04
N PRO A 34 -10.45 -0.22 -8.57
CA PRO A 34 -11.91 -0.08 -8.34
C PRO A 34 -12.66 0.02 -9.68
N GLY A 1 0.79 8.55 9.51
CA GLY A 1 -0.61 8.07 9.61
C GLY A 1 -0.83 6.91 8.62
N CYS A 2 -1.41 7.18 7.49
CA CYS A 2 -1.65 6.09 6.48
C CYS A 2 -0.69 6.23 5.30
N GLY A 3 -0.72 5.31 4.38
CA GLY A 3 0.20 5.39 3.20
C GLY A 3 -0.59 5.18 1.90
N GLY A 4 -0.32 5.97 0.89
CA GLY A 4 -1.05 5.82 -0.39
C GLY A 4 -0.17 6.31 -1.55
N LEU A 5 -0.33 5.74 -2.73
CA LEU A 5 0.47 6.16 -3.92
C LEU A 5 1.97 5.93 -3.67
N MET A 6 2.45 4.75 -3.97
CA MET A 6 3.90 4.42 -3.77
C MET A 6 4.30 4.63 -2.31
N ALA A 7 3.42 4.33 -1.39
CA ALA A 7 3.74 4.51 0.06
C ALA A 7 4.46 3.27 0.58
N GLY A 8 5.70 3.41 0.97
CA GLY A 8 6.48 2.24 1.49
C GLY A 8 5.75 1.59 2.67
N CYS A 9 5.02 0.53 2.41
CA CYS A 9 4.27 -0.16 3.51
C CYS A 9 5.18 -1.20 4.19
N ASP A 10 6.00 -1.88 3.42
CA ASP A 10 6.94 -2.91 3.98
C ASP A 10 6.20 -3.89 4.90
N GLY A 11 5.59 -4.90 4.32
CA GLY A 11 4.86 -5.91 5.15
C GLY A 11 3.48 -6.14 4.56
N LYS A 12 3.16 -7.37 4.25
CA LYS A 12 1.80 -7.69 3.69
C LYS A 12 0.70 -7.42 4.72
N SER A 13 1.06 -7.17 5.97
CA SER A 13 0.03 -6.89 7.01
C SER A 13 0.05 -5.40 7.38
N THR A 14 0.46 -4.55 6.46
CA THR A 14 0.50 -3.08 6.75
C THR A 14 -0.91 -2.47 6.68
N PHE A 15 -1.03 -1.18 6.90
CA PHE A 15 -2.37 -0.52 6.84
C PHE A 15 -2.28 0.75 5.97
N CYS A 16 -2.80 0.69 4.77
CA CYS A 16 -2.75 1.89 3.87
C CYS A 16 -3.90 2.87 4.21
N CYS A 17 -4.09 3.88 3.40
CA CYS A 17 -5.19 4.86 3.68
C CYS A 17 -6.53 4.36 3.12
N SER A 18 -6.72 4.45 1.82
CA SER A 18 -8.01 3.98 1.22
C SER A 18 -7.85 3.81 -0.29
N GLY A 19 -8.29 2.69 -0.82
CA GLY A 19 -8.16 2.45 -2.29
C GLY A 19 -6.69 2.20 -2.66
N TYR A 20 -5.89 1.75 -1.72
CA TYR A 20 -4.45 1.49 -2.02
C TYR A 20 -4.09 0.04 -1.64
N ASN A 21 -3.27 -0.60 -2.41
CA ASN A 21 -2.88 -2.01 -2.10
C ASN A 21 -1.37 -2.12 -1.93
N CYS A 22 -0.91 -2.50 -0.76
CA CYS A 22 0.56 -2.64 -0.52
C CYS A 22 1.08 -3.91 -1.19
N SER A 23 1.82 -3.77 -2.27
CA SER A 23 2.36 -4.97 -2.98
C SER A 23 3.49 -5.60 -2.15
N PRO A 24 3.46 -6.90 -2.06
CA PRO A 24 4.50 -7.63 -1.29
C PRO A 24 5.84 -7.62 -2.05
N THR A 25 5.80 -7.56 -3.36
CA THR A 25 7.06 -7.54 -4.16
C THR A 25 7.58 -6.10 -4.31
N TRP A 26 6.68 -5.15 -4.43
CA TRP A 26 7.11 -3.73 -4.58
C TRP A 26 7.31 -3.06 -3.21
N LYS A 27 6.80 -3.66 -2.16
CA LYS A 27 6.95 -3.09 -0.78
C LYS A 27 6.29 -1.71 -0.63
N TRP A 28 5.43 -1.32 -1.55
CA TRP A 28 4.76 0.01 -1.43
C TRP A 28 3.25 -0.12 -1.66
N CYS A 29 2.51 0.90 -1.33
CA CYS A 29 1.02 0.85 -1.52
C CYS A 29 0.61 1.76 -2.69
N VAL A 30 -0.14 1.24 -3.63
CA VAL A 30 -0.58 2.06 -4.80
C VAL A 30 -2.08 1.89 -5.04
N TYR A 31 -2.66 2.76 -5.84
CA TYR A 31 -4.13 2.67 -6.12
C TYR A 31 -4.54 1.23 -6.45
N ALA A 32 -5.69 0.82 -6.00
CA ALA A 32 -6.16 -0.58 -6.27
C ALA A 32 -7.54 -0.58 -6.92
N ARG A 33 -7.78 -1.49 -7.82
CA ARG A 33 -9.11 -1.56 -8.49
C ARG A 33 -10.00 -2.61 -7.82
N PRO A 34 -11.22 -2.22 -7.51
CA PRO A 34 -12.17 -3.16 -6.86
C PRO A 34 -12.66 -4.22 -7.85
N GLY A 1 0.80 4.86 8.62
CA GLY A 1 -0.65 5.09 8.90
C GLY A 1 -1.36 5.55 7.63
N CYS A 2 -1.22 6.79 7.28
CA CYS A 2 -1.89 7.31 6.05
C CYS A 2 -0.90 7.32 4.87
N GLY A 3 -0.87 6.26 4.10
CA GLY A 3 0.07 6.19 2.95
C GLY A 3 -0.73 6.11 1.64
N GLY A 4 -0.10 6.37 0.53
CA GLY A 4 -0.83 6.31 -0.78
C GLY A 4 0.14 6.63 -1.92
N LEU A 5 0.02 5.93 -3.03
CA LEU A 5 0.91 6.19 -4.21
C LEU A 5 2.38 5.93 -3.85
N MET A 6 2.86 4.73 -4.10
CA MET A 6 4.28 4.39 -3.78
C MET A 6 4.57 4.66 -2.30
N ALA A 7 3.65 4.28 -1.45
CA ALA A 7 3.86 4.50 0.02
C ALA A 7 4.63 3.33 0.62
N GLY A 8 5.82 3.58 1.12
CA GLY A 8 6.64 2.48 1.72
C GLY A 8 5.87 1.82 2.86
N CYS A 9 5.44 0.59 2.66
CA CYS A 9 4.67 -0.11 3.74
C CYS A 9 5.48 -1.31 4.27
N ASP A 10 6.20 -1.99 3.40
CA ASP A 10 7.03 -3.17 3.84
C ASP A 10 6.17 -4.19 4.60
N GLY A 11 5.15 -4.71 3.97
CA GLY A 11 4.27 -5.70 4.65
C GLY A 11 3.04 -5.96 3.78
N LYS A 12 2.86 -7.18 3.32
CA LYS A 12 1.68 -7.50 2.46
C LYS A 12 0.36 -7.20 3.21
N SER A 13 0.41 -7.15 4.52
CA SER A 13 -0.83 -6.86 5.30
C SER A 13 -0.87 -5.38 5.73
N THR A 14 0.22 -4.66 5.58
CA THR A 14 0.23 -3.21 5.97
C THR A 14 -0.87 -2.44 5.22
N PHE A 15 -1.62 -1.63 5.92
CA PHE A 15 -2.70 -0.85 5.26
C PHE A 15 -2.20 0.54 4.88
N CYS A 16 -3.02 1.32 4.21
CA CYS A 16 -2.60 2.68 3.79
C CYS A 16 -3.60 3.73 4.31
N CYS A 17 -3.80 4.81 3.59
CA CYS A 17 -4.77 5.86 4.06
C CYS A 17 -6.18 5.56 3.56
N SER A 18 -6.43 5.73 2.29
CA SER A 18 -7.79 5.46 1.74
C SER A 18 -7.73 5.28 0.22
N GLY A 19 -8.13 4.13 -0.27
CA GLY A 19 -8.09 3.88 -1.74
C GLY A 19 -6.68 3.44 -2.16
N TYR A 20 -5.93 2.86 -1.26
CA TYR A 20 -4.55 2.41 -1.60
C TYR A 20 -4.28 1.05 -0.94
N ASN A 21 -3.42 0.25 -1.53
CA ASN A 21 -3.13 -1.09 -0.93
C ASN A 21 -1.62 -1.41 -1.03
N CYS A 22 -1.02 -1.81 0.05
CA CYS A 22 0.44 -2.14 0.02
C CYS A 22 0.69 -3.41 -0.81
N SER A 23 1.84 -3.50 -1.43
CA SER A 23 2.15 -4.69 -2.26
C SER A 23 3.42 -5.39 -1.74
N PRO A 24 3.40 -6.70 -1.74
CA PRO A 24 4.57 -7.47 -1.25
C PRO A 24 5.71 -7.48 -2.28
N THR A 25 5.39 -7.62 -3.54
CA THR A 25 6.45 -7.64 -4.60
C THR A 25 7.04 -6.25 -4.81
N TRP A 26 6.24 -5.21 -4.63
CA TRP A 26 6.76 -3.82 -4.82
C TRP A 26 7.16 -3.21 -3.48
N LYS A 27 6.66 -3.74 -2.38
CA LYS A 27 7.01 -3.22 -1.01
C LYS A 27 6.40 -1.83 -0.74
N TRP A 28 5.53 -1.35 -1.60
CA TRP A 28 4.91 -0.01 -1.34
C TRP A 28 3.40 -0.04 -1.64
N CYS A 29 2.69 0.99 -1.25
CA CYS A 29 1.22 1.03 -1.48
C CYS A 29 0.89 1.66 -2.83
N VAL A 30 -0.15 1.18 -3.47
CA VAL A 30 -0.55 1.73 -4.81
C VAL A 30 -2.06 1.98 -4.81
N TYR A 31 -2.60 2.46 -5.91
CA TYR A 31 -4.07 2.73 -5.97
C TYR A 31 -4.86 1.42 -5.87
N ALA A 32 -5.84 1.38 -5.01
CA ALA A 32 -6.66 0.14 -4.85
C ALA A 32 -7.51 -0.11 -6.10
N ARG A 33 -7.78 -1.36 -6.40
CA ARG A 33 -8.60 -1.69 -7.62
C ARG A 33 -9.57 -2.84 -7.32
N PRO A 34 -10.60 -2.93 -8.13
CA PRO A 34 -11.63 -4.00 -7.95
C PRO A 34 -11.05 -5.38 -8.35
N GLY A 1 0.72 4.80 9.82
CA GLY A 1 -0.72 5.19 9.91
C GLY A 1 -1.32 5.26 8.51
N CYS A 2 -0.98 6.26 7.75
CA CYS A 2 -1.54 6.39 6.37
C CYS A 2 -0.43 6.22 5.32
N GLY A 3 -0.69 5.50 4.27
CA GLY A 3 0.34 5.28 3.21
C GLY A 3 -0.34 5.08 1.85
N GLY A 4 0.02 5.87 0.87
CA GLY A 4 -0.60 5.73 -0.48
C GLY A 4 0.34 6.29 -1.55
N LEU A 5 0.13 5.93 -2.79
CA LEU A 5 1.00 6.43 -3.92
C LEU A 5 2.49 6.14 -3.64
N MET A 6 2.92 4.94 -3.99
CA MET A 6 4.36 4.55 -3.76
C MET A 6 4.73 4.72 -2.29
N ALA A 7 3.84 4.35 -1.40
CA ALA A 7 4.14 4.48 0.06
C ALA A 7 4.80 3.19 0.59
N GLY A 8 6.08 3.25 0.88
CA GLY A 8 6.81 2.06 1.40
C GLY A 8 6.18 1.59 2.72
N CYS A 9 5.49 0.48 2.70
CA CYS A 9 4.84 -0.03 3.95
C CYS A 9 5.53 -1.31 4.45
N ASP A 10 6.05 -2.12 3.54
CA ASP A 10 6.75 -3.37 3.95
C ASP A 10 5.80 -4.30 4.73
N GLY A 11 4.86 -4.92 4.06
CA GLY A 11 3.90 -5.82 4.77
C GLY A 11 2.82 -6.30 3.79
N LYS A 12 2.68 -7.60 3.66
CA LYS A 12 1.63 -8.16 2.73
C LYS A 12 0.22 -7.73 3.16
N SER A 13 0.05 -7.31 4.40
CA SER A 13 -1.29 -6.87 4.88
C SER A 13 -1.17 -5.55 5.66
N THR A 14 -0.27 -4.69 5.24
CA THR A 14 -0.10 -3.38 5.96
C THR A 14 -1.36 -2.52 5.81
N PHE A 15 -1.51 -1.53 6.66
CA PHE A 15 -2.72 -0.65 6.58
C PHE A 15 -2.37 0.67 5.88
N CYS A 16 -2.96 0.90 4.73
CA CYS A 16 -2.68 2.17 3.98
C CYS A 16 -3.74 3.23 4.32
N CYS A 17 -3.85 4.28 3.54
CA CYS A 17 -4.86 5.34 3.85
C CYS A 17 -6.26 4.91 3.36
N SER A 18 -6.50 4.99 2.07
CA SER A 18 -7.83 4.61 1.51
C SER A 18 -7.72 4.41 0.00
N GLY A 19 -8.15 3.28 -0.49
CA GLY A 19 -8.07 3.01 -1.96
C GLY A 19 -6.62 2.70 -2.37
N TYR A 20 -5.76 2.38 -1.43
CA TYR A 20 -4.35 2.06 -1.77
C TYR A 20 -3.98 0.66 -1.25
N ASN A 21 -3.47 -0.18 -2.10
CA ASN A 21 -3.08 -1.55 -1.66
C ASN A 21 -1.56 -1.72 -1.77
N CYS A 22 -0.95 -2.30 -0.77
CA CYS A 22 0.52 -2.49 -0.80
C CYS A 22 0.88 -3.78 -1.55
N SER A 23 1.90 -3.72 -2.36
CA SER A 23 2.30 -4.93 -3.14
C SER A 23 3.47 -5.65 -2.44
N PRO A 24 3.43 -6.96 -2.43
CA PRO A 24 4.51 -7.75 -1.80
C PRO A 24 5.79 -7.70 -2.65
N THR A 25 5.66 -7.54 -3.94
CA THR A 25 6.87 -7.49 -4.82
C THR A 25 7.43 -6.07 -4.90
N TRP A 26 6.61 -5.07 -4.73
CA TRP A 26 7.10 -3.66 -4.80
C TRP A 26 7.32 -3.09 -3.38
N LYS A 27 6.59 -3.60 -2.41
CA LYS A 27 6.73 -3.13 -0.98
C LYS A 27 6.08 -1.75 -0.76
N TRP A 28 5.57 -1.11 -1.78
CA TRP A 28 4.92 0.23 -1.56
C TRP A 28 3.39 0.13 -1.73
N CYS A 29 2.69 1.17 -1.37
CA CYS A 29 1.19 1.16 -1.50
C CYS A 29 0.77 2.02 -2.69
N VAL A 30 -0.06 1.50 -3.55
CA VAL A 30 -0.54 2.28 -4.74
C VAL A 30 -2.04 2.08 -4.92
N TYR A 31 -2.64 2.79 -5.85
CA TYR A 31 -4.11 2.66 -6.07
C TYR A 31 -4.49 1.19 -6.33
N ALA A 32 -5.47 0.69 -5.60
CA ALA A 32 -5.88 -0.74 -5.79
C ALA A 32 -6.92 -0.85 -6.93
N ARG A 33 -7.18 -2.05 -7.38
CA ARG A 33 -8.18 -2.25 -8.48
C ARG A 33 -9.05 -3.48 -8.20
N PRO A 34 -10.32 -3.37 -8.51
CA PRO A 34 -11.27 -4.50 -8.29
C PRO A 34 -11.04 -5.61 -9.33
#